data_3O3D
#
_entry.id   3O3D
#
_cell.length_a   58.160
_cell.length_b   84.244
_cell.length_c   84.123
_cell.angle_alpha   90.00
_cell.angle_beta   90.14
_cell.angle_gamma   90.00
#
_symmetry.space_group_name_H-M   'P 1 21 1'
#
loop_
_entity.id
_entity.type
_entity.pdbx_description
1 polymer 'HLA class I histocompatibility antigen, A-2 alpha chain'
2 polymer Beta-2-microglobulin
3 polymer 'Peptidomimetic ELA-2'
4 non-polymer GLYCEROL
5 water water
#
loop_
_entity_poly.entity_id
_entity_poly.type
_entity_poly.pdbx_seq_one_letter_code
_entity_poly.pdbx_strand_id
1 'polypeptide(L)'
;GSHSMRYFFTSVSRPGRGEPRFIAVGYVDDTQFVRFDSDAASQRMEPRAPWIEQEGPEYWDGETRKVKAHSQTHRVDLGT
LRGYYNQSEAGSHTVQRMYGCDVGSDWRFLRGYHQYAYDGKDYIALKEDLRSWTAADMAAQTTKHKWEAAHVAEQLRAYL
EGTCVEWLRRYLENGKETLQRTDAPKTHMTHHAVSDHEATLRCWALSFYPAEITLTWQRDGEDQTQDTELVETRPAGDGT
FQKWAAVVVPSGQEQRYTCHVQHEGLPKPLTLRWE
;
A,D
2 'polypeptide(L)'
;MIQRTPKIQVYSRHPAENGKSNFLNCYVSGFHPSDIEVDLLKNGERIEKVEHSDLSFSKDWSFYLLYYTEFTPTEKDEYA
CRVNHVTLSQPKIVKWDRDM
;
B,E
3 'polypeptide(L)' ELA(TIG)(3AZ)LTV C,F
#
# COMPACT_ATOMS: atom_id res chain seq x y z
N GLY A 1 15.94 1.28 6.01
CA GLY A 1 15.16 2.16 6.92
C GLY A 1 14.22 1.39 7.84
N SER A 2 13.32 0.60 7.27
CA SER A 2 12.25 -0.03 8.02
C SER A 2 12.65 -1.41 8.59
N HIS A 3 12.02 -1.84 9.70
CA HIS A 3 12.41 -3.07 10.40
C HIS A 3 11.22 -3.90 10.90
N SER A 4 11.45 -5.19 11.08
CA SER A 4 10.40 -6.05 11.58
C SER A 4 10.95 -7.07 12.59
N MET A 5 10.09 -7.49 13.50
CA MET A 5 10.37 -8.64 14.32
C MET A 5 9.24 -9.63 14.08
N ARG A 6 9.59 -10.87 13.78
CA ARG A 6 8.57 -11.88 13.56
C ARG A 6 8.96 -13.17 14.21
N TYR A 7 7.97 -13.84 14.83
CA TYR A 7 8.12 -15.21 15.35
C TYR A 7 7.25 -16.13 14.52
N PHE A 8 7.81 -17.28 14.16
CA PHE A 8 7.17 -18.30 13.29
C PHE A 8 7.11 -19.59 14.06
N PHE A 9 5.95 -20.26 14.01
CA PHE A 9 5.77 -21.47 14.78
C PHE A 9 5.15 -22.49 13.88
N THR A 10 5.66 -23.72 13.89
CA THR A 10 5.13 -24.76 13.07
C THR A 10 4.90 -25.96 13.95
N SER A 11 3.67 -26.48 14.00
CA SER A 11 3.45 -27.78 14.70
C SER A 11 2.82 -28.79 13.77
N VAL A 12 3.40 -29.98 13.79
CA VAL A 12 3.00 -31.06 12.90
C VAL A 12 2.60 -32.31 13.69
N SER A 13 1.39 -32.78 13.51
CA SER A 13 1.02 -34.03 14.14
C SER A 13 1.66 -35.26 13.47
N ARG A 14 1.94 -36.24 14.30
CA ARG A 14 2.48 -37.47 13.82
C ARG A 14 1.81 -38.62 14.57
N PRO A 15 0.60 -38.94 14.15
CA PRO A 15 -0.26 -39.88 14.86
C PRO A 15 0.37 -41.26 14.98
N GLY A 16 0.40 -41.76 16.22
CA GLY A 16 1.03 -43.04 16.55
C GLY A 16 2.55 -43.06 16.50
N ARG A 17 3.16 -41.87 16.53
CA ARG A 17 4.61 -41.74 16.59
C ARG A 17 4.91 -40.67 17.65
N GLY A 18 4.04 -40.58 18.65
CA GLY A 18 4.25 -39.69 19.79
C GLY A 18 3.62 -38.32 19.60
N GLU A 19 4.20 -37.32 20.25
CA GLU A 19 3.65 -35.99 20.30
C GLU A 19 4.02 -35.20 19.04
N PRO A 20 3.34 -34.07 18.80
CA PRO A 20 3.64 -33.32 17.59
C PRO A 20 5.03 -32.70 17.57
N ARG A 21 5.59 -32.56 16.37
CA ARG A 21 6.85 -31.85 16.18
C ARG A 21 6.55 -30.36 16.25
N PHE A 22 7.26 -29.62 17.09
CA PHE A 22 7.07 -28.19 17.21
C PHE A 22 8.40 -27.51 16.98
N ILE A 23 8.40 -26.55 16.04
CA ILE A 23 9.60 -25.71 15.79
C ILE A 23 9.21 -24.24 15.84
N ALA A 24 9.98 -23.45 16.59
CA ALA A 24 9.78 -22.00 16.64
C ALA A 24 11.06 -21.32 16.24
N VAL A 25 10.93 -20.26 15.44
CA VAL A 25 12.10 -19.39 15.13
C VAL A 25 11.70 -17.94 15.24
N GLY A 26 12.68 -17.13 15.56
CA GLY A 26 12.42 -15.68 15.62
C GLY A 26 13.41 -14.97 14.71
N TYR A 27 12.95 -13.91 14.04
CA TYR A 27 13.76 -13.12 13.13
C TYR A 27 13.63 -11.66 13.44
N VAL A 28 14.74 -10.92 13.26
CA VAL A 28 14.68 -9.48 13.07
C VAL A 28 15.02 -9.23 11.63
N ASP A 29 14.10 -8.63 10.88
CA ASP A 29 14.29 -8.49 9.41
C ASP A 29 14.56 -9.90 8.84
N ASP A 30 15.64 -10.06 8.07
CA ASP A 30 15.99 -11.34 7.47
C ASP A 30 17.09 -12.07 8.23
N THR A 31 17.28 -11.72 9.51
CA THR A 31 18.31 -12.32 10.32
C THR A 31 17.66 -13.14 11.44
N GLN A 32 17.89 -14.44 11.43
CA GLN A 32 17.31 -15.28 12.50
C GLN A 32 18.10 -15.09 13.78
N PHE A 33 17.41 -15.12 14.94
CA PHE A 33 18.11 -14.91 16.20
C PHE A 33 17.81 -15.94 17.31
N VAL A 34 16.70 -16.66 17.22
CA VAL A 34 16.43 -17.73 18.19
C VAL A 34 15.76 -18.92 17.51
N ARG A 35 15.84 -20.08 18.15
CA ARG A 35 15.10 -21.28 17.73
C ARG A 35 14.69 -22.09 18.95
N PHE A 36 13.64 -22.87 18.78
CA PHE A 36 13.34 -23.95 19.70
C PHE A 36 12.90 -25.13 18.81
N ASP A 37 13.40 -26.32 19.12
CA ASP A 37 12.93 -27.54 18.40
C ASP A 37 12.53 -28.55 19.44
N SER A 38 11.29 -29.06 19.35
CA SER A 38 10.71 -30.03 20.31
C SER A 38 11.46 -31.34 20.34
N ASP A 39 12.12 -31.68 19.23
CA ASP A 39 12.82 -32.94 19.16
C ASP A 39 14.24 -32.89 19.67
N ALA A 40 14.77 -31.68 19.85
CA ALA A 40 16.18 -31.54 20.25
C ALA A 40 16.35 -31.90 21.73
N ALA A 41 17.58 -32.30 22.08
CA ALA A 41 17.93 -32.73 23.43
C ALA A 41 17.86 -31.60 24.46
N SER A 42 18.19 -30.37 24.06
CA SER A 42 18.38 -29.29 25.04
C SER A 42 17.10 -28.85 25.75
N GLN A 43 15.97 -28.87 25.01
CA GLN A 43 14.69 -28.35 25.47
C GLN A 43 14.79 -26.88 25.91
N ARG A 44 15.64 -26.11 25.24
CA ARG A 44 15.86 -24.72 25.57
C ARG A 44 15.64 -23.88 24.31
N MET A 45 15.16 -22.66 24.50
CA MET A 45 15.30 -21.65 23.43
C MET A 45 16.80 -21.37 23.28
N GLU A 46 17.29 -21.42 22.04
CA GLU A 46 18.72 -21.27 21.76
C GLU A 46 19.04 -20.04 20.89
N PRO A 47 20.23 -19.42 21.12
CA PRO A 47 20.67 -18.30 20.28
C PRO A 47 21.05 -18.75 18.90
N ARG A 48 20.74 -17.92 17.90
CA ARG A 48 21.14 -18.22 16.53
C ARG A 48 21.73 -16.99 15.86
N ALA A 49 22.05 -15.98 16.67
CA ALA A 49 22.72 -14.77 16.19
C ALA A 49 23.68 -14.34 17.27
N PRO A 50 24.85 -13.81 16.89
CA PRO A 50 25.86 -13.49 17.92
C PRO A 50 25.39 -12.45 18.93
N TRP A 51 24.61 -11.49 18.47
CA TRP A 51 24.19 -10.37 19.31
C TRP A 51 23.10 -10.68 20.34
N ILE A 52 22.44 -11.84 20.22
CA ILE A 52 21.47 -12.22 21.25
C ILE A 52 22.16 -12.98 22.38
N GLU A 53 23.40 -13.45 22.14
CA GLU A 53 24.08 -14.32 23.15
C GLU A 53 24.33 -13.59 24.46
N GLN A 54 24.40 -12.25 24.40
CA GLN A 54 24.65 -11.45 25.60
C GLN A 54 23.46 -11.37 26.55
N GLU A 55 22.27 -11.76 26.11
CA GLU A 55 21.12 -11.79 27.01
C GLU A 55 21.35 -12.76 28.14
N GLY A 56 20.92 -12.35 29.32
CA GLY A 56 21.27 -13.05 30.55
C GLY A 56 20.36 -14.24 30.82
N PRO A 57 20.58 -14.92 31.94
CA PRO A 57 19.89 -16.20 32.16
C PRO A 57 18.38 -16.05 32.32
N GLU A 58 17.90 -14.89 32.80
CA GLU A 58 16.45 -14.65 32.92
C GLU A 58 15.74 -14.65 31.59
N TYR A 59 16.40 -14.06 30.60
CA TYR A 59 15.88 -14.00 29.25
C TYR A 59 15.77 -15.42 28.73
N TRP A 60 16.86 -16.20 28.82
CA TRP A 60 16.81 -17.57 28.26
C TRP A 60 15.80 -18.48 28.98
N ASP A 61 15.71 -18.33 30.31
CA ASP A 61 14.73 -19.08 31.08
C ASP A 61 13.32 -18.65 30.67
N GLY A 62 13.09 -17.36 30.46
CA GLY A 62 11.73 -16.89 30.23
C GLY A 62 11.31 -17.22 28.80
N GLU A 63 12.24 -17.13 27.85
CA GLU A 63 11.94 -17.46 26.47
C GLU A 63 11.67 -18.95 26.30
N THR A 64 12.43 -19.78 27.02
CA THR A 64 12.17 -21.21 27.06
C THR A 64 10.78 -21.56 27.67
N ARG A 65 10.45 -20.94 28.80
CA ARG A 65 9.12 -21.12 29.43
C ARG A 65 7.99 -20.68 28.45
N LYS A 66 8.14 -19.49 27.84
CA LYS A 66 7.10 -19.04 26.90
C LYS A 66 6.97 -19.91 25.65
N VAL A 67 8.10 -20.35 25.11
CA VAL A 67 8.05 -21.13 23.87
C VAL A 67 7.40 -22.48 24.11
N LYS A 68 7.65 -23.06 25.28
CA LYS A 68 7.04 -24.35 25.63
C LYS A 68 5.52 -24.17 25.80
N ALA A 69 5.11 -23.00 26.32
CA ALA A 69 3.67 -22.65 26.49
C ALA A 69 3.00 -22.51 25.14
N HIS A 70 3.70 -21.88 24.20
CA HIS A 70 3.24 -21.84 22.79
C HIS A 70 3.07 -23.25 22.21
N SER A 71 4.05 -24.13 22.49
CA SER A 71 4.05 -25.52 21.99
C SER A 71 2.81 -26.25 22.50
N GLN A 72 2.50 -26.04 23.78
CA GLN A 72 1.39 -26.79 24.40
C GLN A 72 0.06 -26.35 23.83
N THR A 73 -0.03 -25.07 23.55
CA THR A 73 -1.19 -24.45 22.92
C THR A 73 -1.41 -25.10 21.51
N HIS A 74 -0.34 -25.26 20.72
CA HIS A 74 -0.52 -25.89 19.39
C HIS A 74 -0.81 -27.38 19.49
N ARG A 75 -0.34 -28.03 20.54
CA ARG A 75 -0.67 -29.44 20.78
C ARG A 75 -2.18 -29.60 20.93
N VAL A 76 -2.78 -28.72 21.73
CA VAL A 76 -4.23 -28.71 21.90
C VAL A 76 -4.93 -28.37 20.61
N ASP A 77 -4.40 -27.36 19.89
CA ASP A 77 -5.01 -26.92 18.62
C ASP A 77 -5.12 -28.04 17.61
N LEU A 78 -4.08 -28.88 17.49
CA LEU A 78 -4.15 -29.97 16.52
C LEU A 78 -5.33 -30.91 16.76
N GLY A 79 -5.60 -31.23 18.04
CA GLY A 79 -6.79 -32.01 18.40
C GLY A 79 -8.11 -31.27 18.07
N THR A 80 -8.16 -29.99 18.40
CA THR A 80 -9.37 -29.17 18.22
C THR A 80 -9.70 -29.04 16.73
N LEU A 81 -8.67 -28.77 15.92
CA LEU A 81 -8.87 -28.64 14.47
C LEU A 81 -9.30 -29.95 13.79
N ARG A 82 -8.76 -31.09 14.23
CA ARG A 82 -9.23 -32.37 13.74
C ARG A 82 -10.76 -32.54 14.00
N GLY A 83 -11.20 -32.12 15.17
CA GLY A 83 -12.63 -32.13 15.51
C GLY A 83 -13.45 -31.16 14.67
N TYR A 84 -12.96 -29.91 14.51
CA TYR A 84 -13.71 -28.92 13.70
C TYR A 84 -13.91 -29.41 12.26
N TYR A 85 -12.90 -30.10 11.71
CA TYR A 85 -12.99 -30.52 10.32
C TYR A 85 -13.39 -31.98 10.14
N ASN A 86 -13.76 -32.65 11.22
CA ASN A 86 -14.17 -34.09 11.18
C ASN A 86 -13.09 -34.96 10.52
N GLN A 87 -11.83 -34.71 10.89
CA GLN A 87 -10.71 -35.47 10.30
C GLN A 87 -10.32 -36.66 11.12
N SER A 88 -9.75 -37.66 10.46
CA SER A 88 -9.42 -38.91 11.12
C SER A 88 -8.11 -38.78 11.90
N GLU A 89 -7.92 -39.78 12.77
CA GLU A 89 -6.88 -39.80 13.80
C GLU A 89 -5.55 -39.88 13.19
N ALA A 90 -5.50 -40.59 12.06
CA ALA A 90 -4.30 -41.16 11.58
C ALA A 90 -3.44 -40.20 10.79
N GLY A 91 -4.05 -39.21 10.11
CA GLY A 91 -3.34 -38.43 9.06
C GLY A 91 -2.56 -37.32 9.71
N SER A 92 -1.45 -36.89 9.09
CA SER A 92 -0.64 -35.82 9.68
C SER A 92 -1.22 -34.47 9.27
N HIS A 93 -1.25 -33.51 10.20
CA HIS A 93 -1.75 -32.19 9.89
C HIS A 93 -0.81 -31.10 10.44
N THR A 94 -0.92 -29.87 9.91
CA THR A 94 0.06 -28.82 10.22
C THR A 94 -0.66 -27.56 10.69
N VAL A 95 -0.26 -27.05 11.84
CA VAL A 95 -0.66 -25.70 12.28
C VAL A 95 0.54 -24.81 12.21
N GLN A 96 0.32 -23.60 11.71
CA GLN A 96 1.37 -22.55 11.68
C GLN A 96 0.83 -21.28 12.25
N ARG A 97 1.66 -20.54 12.98
CA ARG A 97 1.27 -19.25 13.54
C ARG A 97 2.44 -18.30 13.30
N MET A 98 2.15 -17.05 12.97
CA MET A 98 3.20 -16.07 12.83
C MET A 98 2.69 -14.84 13.52
N TYR A 99 3.55 -14.14 14.26
CA TYR A 99 3.15 -12.85 14.78
C TYR A 99 4.33 -11.91 14.89
N GLY A 100 4.03 -10.62 15.06
CA GLY A 100 5.09 -9.62 15.20
C GLY A 100 4.73 -8.23 14.76
N CYS A 101 5.74 -7.38 14.61
CA CYS A 101 5.49 -5.97 14.40
C CYS A 101 6.47 -5.42 13.38
N ASP A 102 6.01 -4.40 12.66
CA ASP A 102 6.84 -3.57 11.76
C ASP A 102 7.01 -2.19 12.38
N VAL A 103 8.18 -1.59 12.15
CA VAL A 103 8.45 -0.20 12.52
C VAL A 103 9.04 0.50 11.29
N GLY A 104 8.88 1.81 11.22
CA GLY A 104 9.40 2.56 10.08
C GLY A 104 10.84 2.97 10.30
N SER A 105 11.31 3.91 9.46
CA SER A 105 12.65 4.46 9.57
C SER A 105 12.97 5.13 10.91
N ASP A 106 11.95 5.65 11.57
CA ASP A 106 12.09 6.35 12.86
C ASP A 106 11.91 5.40 14.04
N TRP A 107 11.71 4.13 13.72
CA TRP A 107 11.50 2.98 14.64
C TRP A 107 10.18 3.07 15.45
N ARG A 108 9.22 3.85 14.95
CA ARG A 108 7.91 3.87 15.58
C ARG A 108 7.05 2.78 14.96
N PHE A 109 6.16 2.21 15.78
CA PHE A 109 5.19 1.20 15.33
C PHE A 109 4.50 1.57 14.02
N LEU A 110 4.49 0.63 13.07
CA LEU A 110 3.85 0.82 11.79
C LEU A 110 2.61 -0.09 11.70
N ARG A 111 2.86 -1.41 11.84
CA ARG A 111 1.83 -2.46 11.72
C ARG A 111 2.07 -3.57 12.73
N GLY A 112 0.98 -4.25 13.12
CA GLY A 112 1.04 -5.45 13.93
C GLY A 112 0.31 -6.58 13.20
N TYR A 113 0.72 -7.82 13.46
CA TYR A 113 0.08 -8.99 12.81
C TYR A 113 0.15 -10.22 13.70
N HIS A 114 -0.86 -11.11 13.53
CA HIS A 114 -0.99 -12.31 14.33
C HIS A 114 -1.95 -13.16 13.51
N GLN A 115 -1.37 -14.16 12.83
CA GLN A 115 -1.99 -14.95 11.75
C GLN A 115 -1.78 -16.44 12.03
N TYR A 116 -2.78 -17.24 11.67
CA TYR A 116 -2.76 -18.65 11.88
C TYR A 116 -3.18 -19.36 10.57
N ALA A 117 -2.54 -20.50 10.29
CA ALA A 117 -2.90 -21.35 9.15
C ALA A 117 -3.08 -22.81 9.58
N TYR A 118 -3.96 -23.50 8.91
CA TYR A 118 -4.08 -24.94 9.12
C TYR A 118 -3.98 -25.63 7.78
N ASP A 119 -3.09 -26.61 7.69
CA ASP A 119 -2.81 -27.39 6.47
C ASP A 119 -2.49 -26.50 5.28
N GLY A 120 -1.73 -25.45 5.56
CA GLY A 120 -1.20 -24.60 4.51
C GLY A 120 -2.11 -23.50 3.99
N LYS A 121 -3.29 -23.36 4.58
CA LYS A 121 -4.29 -22.34 4.16
C LYS A 121 -4.52 -21.37 5.30
N ASP A 122 -4.79 -20.10 4.97
CA ASP A 122 -5.23 -19.13 6.02
C ASP A 122 -6.37 -19.73 6.84
N TYR A 123 -6.24 -19.61 8.16
CA TYR A 123 -7.29 -20.03 9.07
C TYR A 123 -7.93 -18.77 9.74
N ILE A 124 -7.16 -18.05 10.57
CA ILE A 124 -7.70 -16.83 11.21
C ILE A 124 -6.55 -15.83 11.35
N ALA A 125 -6.85 -14.56 11.19
CA ALA A 125 -5.85 -13.48 11.19
C ALA A 125 -6.40 -12.27 11.92
N LEU A 126 -5.55 -11.63 12.72
CA LEU A 126 -5.88 -10.36 13.32
C LEU A 126 -5.85 -9.28 12.25
N LYS A 127 -6.93 -8.50 12.17
CA LYS A 127 -6.97 -7.42 11.17
C LYS A 127 -6.06 -6.28 11.56
N GLU A 128 -5.85 -5.33 10.61
CA GLU A 128 -4.96 -4.16 10.75
C GLU A 128 -5.22 -3.30 11.99
N ASP A 129 -6.48 -3.19 12.39
CA ASP A 129 -6.86 -2.38 13.54
C ASP A 129 -6.50 -3.07 14.88
N LEU A 130 -6.16 -4.36 14.81
CA LEU A 130 -5.77 -5.21 15.97
C LEU A 130 -6.94 -5.32 16.96
N ARG A 131 -8.14 -5.17 16.46
CA ARG A 131 -9.39 -5.21 17.28
C ARG A 131 -10.36 -6.29 16.80
N SER A 132 -10.10 -6.81 15.63
CA SER A 132 -11.07 -7.70 15.00
C SER A 132 -10.36 -8.78 14.20
N TRP A 133 -11.13 -9.77 13.74
CA TRP A 133 -10.56 -10.97 13.15
C TRP A 133 -11.12 -11.24 11.75
N THR A 134 -10.29 -11.80 10.87
CA THR A 134 -10.71 -12.35 9.57
C THR A 134 -10.65 -13.87 9.65
N ALA A 135 -11.81 -14.53 9.47
CA ALA A 135 -11.91 -15.98 9.61
C ALA A 135 -12.18 -16.54 8.23
N ALA A 136 -11.38 -17.50 7.81
CA ALA A 136 -11.30 -17.88 6.42
C ALA A 136 -12.38 -18.85 5.96
N ASP A 137 -12.98 -19.57 6.92
CA ASP A 137 -13.99 -20.59 6.65
C ASP A 137 -14.87 -20.77 7.89
N MET A 138 -15.80 -21.74 7.85
CA MET A 138 -16.75 -21.84 8.93
C MET A 138 -16.13 -22.31 10.24
N ALA A 139 -15.19 -23.24 10.16
CA ALA A 139 -14.45 -23.66 11.38
C ALA A 139 -13.72 -22.51 12.06
N ALA A 140 -13.09 -21.65 11.26
CA ALA A 140 -12.42 -20.49 11.83
C ALA A 140 -13.39 -19.50 12.42
N GLN A 141 -14.66 -19.51 11.95
CA GLN A 141 -15.70 -18.69 12.62
C GLN A 141 -15.92 -19.11 14.08
N THR A 142 -15.93 -20.43 14.31
CA THR A 142 -16.01 -20.97 15.66
C THR A 142 -14.89 -20.40 16.55
N THR A 143 -13.66 -20.43 16.03
CA THR A 143 -12.52 -19.82 16.77
C THR A 143 -12.70 -18.31 16.99
N LYS A 144 -13.19 -17.60 15.97
CA LYS A 144 -13.44 -16.16 16.11
C LYS A 144 -14.47 -15.87 17.20
N HIS A 145 -15.51 -16.70 17.31
CA HIS A 145 -16.50 -16.46 18.36
C HIS A 145 -15.85 -16.62 19.74
N LYS A 146 -15.02 -17.66 19.86
CA LYS A 146 -14.38 -17.97 21.15
C LYS A 146 -13.35 -16.92 21.48
N TRP A 147 -12.66 -16.42 20.44
CA TRP A 147 -11.64 -15.41 20.71
C TRP A 147 -12.21 -14.05 20.96
N GLU A 148 -13.38 -13.77 20.39
CA GLU A 148 -14.06 -12.54 20.71
C GLU A 148 -14.60 -12.57 22.13
N ALA A 149 -15.22 -13.69 22.54
CA ALA A 149 -15.75 -13.78 23.90
C ALA A 149 -14.63 -13.69 24.96
N ALA A 150 -13.43 -14.11 24.61
CA ALA A 150 -12.30 -14.21 25.56
C ALA A 150 -11.39 -12.97 25.50
N HIS A 151 -11.78 -12.01 24.66
CA HIS A 151 -11.05 -10.73 24.48
C HIS A 151 -9.58 -10.92 24.12
N VAL A 152 -9.36 -11.89 23.22
CA VAL A 152 -8.00 -12.24 22.79
C VAL A 152 -7.31 -11.06 22.11
N ALA A 153 -8.04 -10.36 21.24
CA ALA A 153 -7.40 -9.26 20.47
C ALA A 153 -6.82 -8.18 21.39
N GLU A 154 -7.51 -7.87 22.48
CA GLU A 154 -7.06 -6.88 23.43
C GLU A 154 -5.72 -7.23 24.06
N GLN A 155 -5.51 -8.51 24.34
CA GLN A 155 -4.23 -8.95 24.91
C GLN A 155 -3.12 -8.95 23.85
N LEU A 156 -3.50 -9.27 22.63
CA LEU A 156 -2.52 -9.30 21.55
C LEU A 156 -2.07 -7.89 21.19
N ARG A 157 -3.02 -6.97 21.12
CA ARG A 157 -2.72 -5.57 20.78
C ARG A 157 -1.66 -4.93 21.70
N ALA A 158 -1.76 -5.13 23.01
CA ALA A 158 -0.81 -4.56 23.96
C ALA A 158 0.64 -5.02 23.76
N TYR A 159 0.79 -6.31 23.41
CA TYR A 159 2.10 -6.87 23.03
C TYR A 159 2.61 -6.23 21.74
N LEU A 160 1.75 -6.25 20.72
CA LEU A 160 2.17 -5.90 19.35
C LEU A 160 2.56 -4.43 19.23
N GLU A 161 1.80 -3.56 19.91
CA GLU A 161 2.02 -2.10 19.85
C GLU A 161 3.12 -1.66 20.80
N GLY A 162 3.34 -2.43 21.86
CA GLY A 162 4.20 -1.98 22.95
C GLY A 162 5.46 -2.85 23.05
N THR A 163 5.36 -3.96 23.79
CA THR A 163 6.44 -4.94 24.02
C THR A 163 7.22 -5.37 22.77
N CYS A 164 6.51 -5.72 21.72
CA CYS A 164 7.16 -6.17 20.46
C CYS A 164 8.12 -5.08 19.94
N VAL A 165 7.60 -3.86 19.90
CA VAL A 165 8.32 -2.70 19.39
C VAL A 165 9.52 -2.38 20.31
N GLU A 166 9.31 -2.47 21.62
CA GLU A 166 10.40 -2.21 22.58
C GLU A 166 11.57 -3.20 22.42
N TRP A 167 11.27 -4.48 22.21
CA TRP A 167 12.31 -5.46 22.12
C TRP A 167 12.97 -5.41 20.75
N LEU A 168 12.17 -5.14 19.70
CA LEU A 168 12.76 -4.90 18.36
C LEU A 168 13.82 -3.76 18.38
N ARG A 169 13.51 -2.67 19.06
CA ARG A 169 14.50 -1.57 19.23
C ARG A 169 15.74 -1.99 20.00
N ARG A 170 15.55 -2.72 21.09
CA ARG A 170 16.67 -3.29 21.83
C ARG A 170 17.54 -4.19 20.93
N TYR A 171 16.93 -5.05 20.15
CA TYR A 171 17.73 -5.99 19.31
C TYR A 171 18.45 -5.22 18.21
N LEU A 172 17.75 -4.26 17.59
CA LEU A 172 18.38 -3.37 16.58
C LEU A 172 19.60 -2.64 17.10
N GLU A 173 19.50 -2.14 18.34
CA GLU A 173 20.61 -1.51 19.04
C GLU A 173 21.77 -2.46 19.36
N ASN A 174 21.48 -3.60 19.98
CA ASN A 174 22.53 -4.56 20.33
C ASN A 174 23.20 -5.23 19.15
N GLY A 175 22.42 -5.48 18.10
CA GLY A 175 22.97 -6.04 16.88
C GLY A 175 23.20 -5.07 15.76
N LYS A 176 23.51 -3.82 16.10
CA LYS A 176 23.54 -2.71 15.12
C LYS A 176 24.41 -2.98 13.91
N GLU A 177 25.60 -3.54 14.16
CA GLU A 177 26.56 -3.92 13.15
C GLU A 177 25.95 -4.85 12.10
N THR A 178 25.29 -5.90 12.56
CA THR A 178 24.59 -6.90 11.71
C THR A 178 23.29 -6.38 11.17
N LEU A 179 22.46 -5.81 12.04
CA LEU A 179 21.08 -5.50 11.68
C LEU A 179 20.81 -4.17 11.00
N GLN A 180 21.61 -3.14 11.33
CA GLN A 180 21.44 -1.83 10.74
C GLN A 180 22.54 -1.67 9.71
N ARG A 181 22.53 -2.59 8.75
CA ARG A 181 23.48 -2.50 7.68
C ARG A 181 22.67 -2.67 6.42
N THR A 182 23.24 -2.20 5.35
CA THR A 182 22.65 -2.41 4.08
C THR A 182 23.82 -2.80 3.18
N ASP A 183 23.74 -3.96 2.53
CA ASP A 183 24.80 -4.42 1.62
C ASP A 183 24.17 -4.36 0.21
N ALA A 184 24.65 -3.44 -0.62
CA ALA A 184 24.12 -3.26 -1.98
C ALA A 184 24.53 -4.48 -2.82
N PRO A 185 23.65 -4.93 -3.71
CA PRO A 185 24.02 -6.09 -4.55
C PRO A 185 25.17 -5.81 -5.52
N LYS A 186 26.04 -6.80 -5.63
CA LYS A 186 27.09 -6.83 -6.65
C LYS A 186 26.43 -7.49 -7.85
N THR A 187 26.39 -6.77 -8.95
CA THR A 187 25.59 -7.21 -10.06
C THR A 187 26.39 -7.51 -11.31
N HIS A 188 25.94 -8.49 -12.11
CA HIS A 188 26.52 -8.73 -13.44
C HIS A 188 25.54 -9.54 -14.26
N MET A 189 25.81 -9.70 -15.56
CA MET A 189 24.97 -10.56 -16.35
C MET A 189 25.84 -11.60 -17.02
N THR A 190 25.31 -12.81 -17.23
CA THR A 190 26.10 -13.83 -17.94
C THR A 190 25.39 -14.17 -19.24
N HIS A 191 26.18 -14.67 -20.19
CA HIS A 191 25.66 -14.95 -21.52
C HIS A 191 26.12 -16.35 -21.87
N HIS A 192 25.20 -17.24 -22.26
CA HIS A 192 25.62 -18.58 -22.73
C HIS A 192 24.73 -19.07 -23.87
N ALA A 193 25.32 -19.47 -24.98
CA ALA A 193 24.55 -19.99 -26.13
C ALA A 193 23.84 -21.25 -25.69
N VAL A 194 22.58 -21.43 -26.08
CA VAL A 194 21.93 -22.74 -25.88
C VAL A 194 21.85 -23.54 -27.17
N SER A 195 22.09 -22.84 -28.28
CA SER A 195 22.16 -23.43 -29.61
C SER A 195 22.86 -22.41 -30.52
N ASP A 196 22.87 -22.65 -31.84
CA ASP A 196 23.47 -21.64 -32.74
C ASP A 196 22.59 -20.43 -33.00
N HIS A 197 21.37 -20.43 -32.44
CA HIS A 197 20.47 -19.33 -32.69
C HIS A 197 19.85 -18.72 -31.45
N GLU A 198 20.17 -19.22 -30.25
CA GLU A 198 19.61 -18.68 -29.02
C GLU A 198 20.64 -18.63 -27.89
N ALA A 199 20.49 -17.64 -27.04
CA ALA A 199 21.36 -17.49 -25.86
C ALA A 199 20.58 -17.22 -24.59
N THR A 200 21.07 -17.75 -23.47
CA THR A 200 20.49 -17.45 -22.17
C THR A 200 21.20 -16.19 -21.62
N LEU A 201 20.43 -15.19 -21.21
CA LEU A 201 20.98 -13.98 -20.57
C LEU A 201 20.52 -14.07 -19.13
N ARG A 202 21.43 -14.08 -18.17
CA ARG A 202 21.04 -14.25 -16.77
C ARG A 202 21.63 -13.10 -16.00
N CYS A 203 20.72 -12.39 -15.33
CA CYS A 203 21.09 -11.21 -14.57
C CYS A 203 21.23 -11.62 -13.12
N TRP A 204 22.37 -11.27 -12.50
CA TRP A 204 22.70 -11.73 -11.16
C TRP A 204 22.80 -10.57 -10.20
N ALA A 205 22.32 -10.79 -8.97
CA ALA A 205 22.58 -9.93 -7.84
C ALA A 205 23.13 -10.79 -6.69
N LEU A 206 24.28 -10.41 -6.14
CA LEU A 206 24.95 -11.20 -5.13
C LEU A 206 25.28 -10.32 -3.93
N SER A 207 25.45 -10.99 -2.79
CA SER A 207 26.03 -10.38 -1.59
C SER A 207 25.20 -9.25 -1.01
N PHE A 208 23.88 -9.34 -1.11
CA PHE A 208 23.06 -8.18 -0.69
C PHE A 208 22.30 -8.46 0.60
N TYR A 209 21.94 -7.39 1.29
CA TYR A 209 21.15 -7.45 2.52
C TYR A 209 20.48 -6.08 2.70
N PRO A 210 19.17 -6.04 3.02
CA PRO A 210 18.24 -7.14 3.30
C PRO A 210 17.82 -7.88 2.05
N ALA A 211 16.98 -8.88 2.22
CA ALA A 211 16.66 -9.78 1.08
C ALA A 211 15.77 -9.16 0.01
N GLU A 212 14.96 -8.14 0.37
CA GLU A 212 14.05 -7.50 -0.58
C GLU A 212 14.81 -6.94 -1.79
N ILE A 213 14.45 -7.40 -2.99
CA ILE A 213 15.08 -6.93 -4.23
C ILE A 213 14.14 -7.12 -5.41
N THR A 214 14.31 -6.32 -6.45
CA THR A 214 13.58 -6.52 -7.70
C THR A 214 14.59 -6.58 -8.87
N LEU A 215 14.47 -7.65 -9.66
CA LEU A 215 15.28 -7.88 -10.86
C LEU A 215 14.30 -8.04 -11.98
N THR A 216 14.47 -7.24 -13.04
CA THR A 216 13.57 -7.33 -14.19
C THR A 216 14.34 -7.21 -15.50
N TRP A 217 13.81 -7.82 -16.55
CA TRP A 217 14.40 -7.68 -17.89
C TRP A 217 13.47 -6.84 -18.72
N GLN A 218 14.07 -5.97 -19.53
CA GLN A 218 13.35 -5.23 -20.56
C GLN A 218 13.89 -5.55 -21.93
N ARG A 219 13.00 -5.51 -22.94
CA ARG A 219 13.40 -5.59 -24.36
C ARG A 219 12.96 -4.30 -25.05
N ASP A 220 13.94 -3.49 -25.49
CA ASP A 220 13.65 -2.11 -26.03
C ASP A 220 12.79 -1.30 -25.04
N GLY A 221 13.12 -1.42 -23.75
CA GLY A 221 12.36 -0.75 -22.72
C GLY A 221 11.02 -1.38 -22.30
N GLU A 222 10.62 -2.50 -22.92
CA GLU A 222 9.33 -3.14 -22.57
C GLU A 222 9.55 -4.33 -21.66
N ASP A 223 8.78 -4.41 -20.56
CA ASP A 223 9.02 -5.49 -19.59
C ASP A 223 8.75 -6.87 -20.20
N GLN A 224 9.56 -7.82 -19.78
CA GLN A 224 9.53 -9.16 -20.37
C GLN A 224 9.08 -10.14 -19.33
N THR A 225 8.03 -9.79 -18.60
CA THR A 225 7.79 -10.54 -17.36
C THR A 225 7.34 -12.00 -17.59
N GLN A 226 6.59 -12.23 -18.66
CA GLN A 226 6.14 -13.62 -19.01
C GLN A 226 7.26 -14.47 -19.56
N ASP A 227 8.30 -13.82 -20.05
CA ASP A 227 9.41 -14.57 -20.60
C ASP A 227 10.60 -14.70 -19.66
N THR A 228 10.46 -14.13 -18.46
CA THR A 228 11.55 -14.14 -17.49
C THR A 228 11.43 -15.35 -16.53
N GLU A 229 12.55 -16.05 -16.31
CA GLU A 229 12.59 -17.02 -15.23
C GLU A 229 13.24 -16.35 -14.04
N LEU A 230 12.48 -16.22 -12.96
CA LEU A 230 12.96 -15.53 -11.76
C LEU A 230 13.04 -16.49 -10.59
N VAL A 231 14.25 -16.76 -10.06
CA VAL A 231 14.32 -17.75 -8.96
C VAL A 231 14.05 -17.07 -7.63
N GLU A 232 13.64 -17.86 -6.67
CA GLU A 232 13.45 -17.39 -5.29
CA GLU A 232 13.46 -17.31 -5.33
C GLU A 232 14.76 -16.79 -4.74
N THR A 233 14.66 -15.63 -4.09
CA THR A 233 15.81 -15.06 -3.32
C THR A 233 16.30 -16.11 -2.33
N ARG A 234 17.62 -16.36 -2.37
CA ARG A 234 18.25 -17.44 -1.63
C ARG A 234 19.39 -16.97 -0.75
N PRO A 235 19.56 -17.61 0.42
CA PRO A 235 20.64 -17.19 1.32
C PRO A 235 21.98 -17.74 0.87
N ALA A 236 23.02 -16.89 0.96
CA ALA A 236 24.38 -17.33 0.64
C ALA A 236 24.94 -18.17 1.81
N GLY A 237 24.38 -17.98 3.01
CA GLY A 237 24.81 -18.71 4.24
C GLY A 237 25.70 -17.86 5.14
N ASP A 238 26.09 -16.67 4.64
CA ASP A 238 26.98 -15.76 5.37
C ASP A 238 26.23 -14.52 5.87
N GLY A 239 24.92 -14.51 5.71
CA GLY A 239 24.14 -13.35 6.12
C GLY A 239 23.74 -12.47 4.96
N THR A 240 24.16 -12.83 3.76
CA THR A 240 23.70 -12.11 2.58
C THR A 240 22.86 -13.02 1.67
N PHE A 241 22.27 -12.41 0.64
CA PHE A 241 21.32 -13.10 -0.26
C PHE A 241 21.73 -12.97 -1.70
N GLN A 242 21.12 -13.82 -2.53
CA GLN A 242 21.45 -13.90 -3.96
C GLN A 242 20.14 -14.04 -4.73
N LYS A 243 20.11 -13.56 -5.96
CA LYS A 243 18.97 -13.83 -6.83
C LYS A 243 19.43 -13.69 -8.28
N TRP A 244 18.74 -14.43 -9.17
CA TRP A 244 18.91 -14.25 -10.61
C TRP A 244 17.61 -14.23 -11.38
N ALA A 245 17.66 -13.62 -12.56
CA ALA A 245 16.55 -13.61 -13.52
C ALA A 245 17.12 -13.92 -14.91
N ALA A 246 16.45 -14.80 -15.66
CA ALA A 246 16.97 -15.13 -16.98
C ALA A 246 15.93 -15.05 -18.06
N VAL A 247 16.43 -14.76 -19.27
CA VAL A 247 15.60 -14.81 -20.48
C VAL A 247 16.40 -15.56 -21.53
N VAL A 248 15.71 -16.26 -22.42
CA VAL A 248 16.38 -16.94 -23.55
C VAL A 248 16.03 -16.13 -24.80
N VAL A 249 17.05 -15.64 -25.50
CA VAL A 249 16.84 -14.69 -26.58
C VAL A 249 17.43 -15.16 -27.89
N PRO A 250 16.92 -14.63 -29.01
CA PRO A 250 17.61 -14.94 -30.26
C PRO A 250 19.00 -14.28 -30.34
N SER A 251 19.98 -15.09 -30.73
CA SER A 251 21.37 -14.63 -30.89
C SER A 251 21.39 -13.45 -31.84
N GLY A 252 22.02 -12.34 -31.43
CA GLY A 252 22.05 -11.13 -32.25
C GLY A 252 21.20 -10.02 -31.68
N GLN A 253 20.26 -10.38 -30.79
CA GLN A 253 19.37 -9.39 -30.20
C GLN A 253 19.76 -8.98 -28.81
N GLU A 254 20.95 -9.38 -28.36
CA GLU A 254 21.40 -9.08 -26.96
C GLU A 254 21.31 -7.61 -26.58
N GLN A 255 21.66 -6.73 -27.52
CA GLN A 255 21.69 -5.31 -27.26
C GLN A 255 20.32 -4.70 -27.02
N ARG A 256 19.23 -5.40 -27.40
CA ARG A 256 17.88 -4.93 -27.08
C ARG A 256 17.50 -5.15 -25.61
N TYR A 257 18.22 -6.02 -24.94
CA TYR A 257 17.81 -6.54 -23.60
C TYR A 257 18.63 -5.86 -22.51
N THR A 258 17.92 -5.37 -21.50
CA THR A 258 18.58 -4.73 -20.34
C THR A 258 18.04 -5.33 -19.05
N CYS A 259 18.88 -5.45 -18.02
CA CYS A 259 18.45 -5.90 -16.72
C CYS A 259 18.47 -4.75 -15.73
N HIS A 260 17.45 -4.73 -14.86
CA HIS A 260 17.17 -3.61 -13.98
C HIS A 260 17.12 -4.10 -12.56
N VAL A 261 17.88 -3.45 -11.68
CA VAL A 261 18.07 -3.92 -10.31
C VAL A 261 17.67 -2.81 -9.34
N GLN A 262 16.71 -3.12 -8.47
CA GLN A 262 16.33 -2.18 -7.40
C GLN A 262 16.59 -2.79 -6.04
N HIS A 263 17.28 -2.05 -5.19
CA HIS A 263 17.58 -2.49 -3.83
C HIS A 263 17.82 -1.28 -2.97
N GLU A 264 17.43 -1.35 -1.70
CA GLU A 264 17.60 -0.20 -0.78
C GLU A 264 19.04 0.29 -0.59
N GLY A 265 20.02 -0.58 -0.82
CA GLY A 265 21.43 -0.21 -0.80
C GLY A 265 22.00 0.53 -1.99
N LEU A 266 21.26 0.56 -3.08
CA LEU A 266 21.69 1.22 -4.30
C LEU A 266 21.35 2.69 -4.16
N PRO A 267 22.33 3.59 -4.40
CA PRO A 267 22.00 5.01 -4.44
C PRO A 267 20.96 5.34 -5.54
N LYS A 268 21.01 4.60 -6.67
CA LYS A 268 20.03 4.68 -7.78
C LYS A 268 19.79 3.25 -8.33
N PRO A 269 18.56 2.95 -8.83
CA PRO A 269 18.37 1.68 -9.59
C PRO A 269 19.41 1.50 -10.71
N LEU A 270 19.92 0.27 -10.89
CA LEU A 270 20.97 0.03 -11.88
C LEU A 270 20.35 -0.53 -13.15
N THR A 271 20.87 -0.10 -14.29
CA THR A 271 20.55 -0.76 -15.53
C THR A 271 21.84 -1.40 -16.07
N LEU A 272 21.77 -2.71 -16.34
CA LEU A 272 22.90 -3.47 -16.88
CA LEU A 272 22.93 -3.39 -16.91
C LEU A 272 22.64 -3.68 -18.35
N ARG A 273 23.68 -3.58 -19.18
CA ARG A 273 23.49 -3.61 -20.66
C ARG A 273 24.51 -4.49 -21.30
N TRP A 274 24.27 -4.85 -22.58
CA TRP A 274 25.18 -5.72 -23.31
C TRP A 274 25.99 -4.93 -24.34
N GLU A 275 26.08 -3.61 -24.08
CA GLU A 275 26.83 -2.69 -24.95
C GLU A 275 27.23 -1.51 -24.09
N MET B 1 -5.99 -32.03 0.54
CA MET B 1 -5.06 -31.16 1.31
CA MET B 1 -5.10 -31.13 1.30
C MET B 1 -4.13 -30.42 0.35
N ILE B 2 -3.85 -29.15 0.66
CA ILE B 2 -2.81 -28.37 -0.02
C ILE B 2 -1.47 -29.09 -0.04
N GLN B 3 -0.87 -29.12 -1.23
CA GLN B 3 0.48 -29.59 -1.39
C GLN B 3 1.18 -28.61 -2.35
N ARG B 4 2.39 -28.21 -1.99
CA ARG B 4 3.21 -27.36 -2.85
C ARG B 4 4.60 -27.95 -3.03
N THR B 5 5.07 -27.87 -4.26
CA THR B 5 6.32 -28.58 -4.70
C THR B 5 7.50 -27.75 -4.27
N PRO B 6 8.56 -28.40 -3.71
CA PRO B 6 9.78 -27.59 -3.44
C PRO B 6 10.45 -27.06 -4.74
N LYS B 7 10.95 -25.84 -4.64
CA LYS B 7 11.75 -25.22 -5.67
C LYS B 7 13.16 -25.39 -5.15
N ILE B 8 13.99 -26.04 -5.95
CA ILE B 8 15.30 -26.50 -5.45
C ILE B 8 16.37 -25.70 -6.17
N GLN B 9 17.29 -25.12 -5.43
CA GLN B 9 18.47 -24.48 -6.01
C GLN B 9 19.75 -25.00 -5.40
N VAL B 10 20.73 -25.36 -6.23
CA VAL B 10 22.04 -25.86 -5.74
C VAL B 10 23.12 -24.94 -6.27
N TYR B 11 23.98 -24.45 -5.36
CA TYR B 11 24.85 -23.32 -5.67
C TYR B 11 25.91 -23.15 -4.61
N SER B 12 26.97 -22.44 -4.96
CA SER B 12 28.02 -22.19 -3.99
C SER B 12 27.84 -20.81 -3.36
N ARG B 13 28.29 -20.66 -2.12
CA ARG B 13 28.23 -19.38 -1.43
C ARG B 13 28.99 -18.27 -2.18
N HIS B 14 30.21 -18.59 -2.60
CA HIS B 14 31.07 -17.67 -3.37
C HIS B 14 31.31 -18.24 -4.77
N PRO B 15 31.75 -17.40 -5.73
CA PRO B 15 32.08 -17.98 -7.04
C PRO B 15 33.13 -19.07 -6.90
N ALA B 16 32.89 -20.19 -7.58
CA ALA B 16 33.70 -21.38 -7.37
C ALA B 16 35.08 -21.26 -8.02
N GLU B 17 36.11 -21.62 -7.29
CA GLU B 17 37.48 -21.62 -7.81
C GLU B 17 38.12 -22.91 -7.34
N ASN B 18 38.62 -23.72 -8.27
CA ASN B 18 39.16 -25.04 -7.94
C ASN B 18 40.26 -24.92 -6.88
N GLY B 19 40.15 -25.67 -5.80
CA GLY B 19 41.20 -25.71 -4.77
C GLY B 19 40.96 -24.69 -3.67
N LYS B 20 39.91 -23.88 -3.82
CA LYS B 20 39.59 -22.86 -2.83
C LYS B 20 38.35 -23.27 -2.06
N SER B 21 38.48 -23.32 -0.73
CA SER B 21 37.37 -23.72 0.13
CA SER B 21 37.37 -23.72 0.13
C SER B 21 36.18 -22.77 -0.02
N ASN B 22 34.98 -23.33 0.07
CA ASN B 22 33.74 -22.61 -0.26
C ASN B 22 32.65 -23.36 0.55
N PHE B 23 31.39 -23.03 0.29
CA PHE B 23 30.26 -23.71 0.84
C PHE B 23 29.34 -24.10 -0.26
N LEU B 24 28.87 -25.33 -0.24
CA LEU B 24 27.85 -25.85 -1.18
C LEU B 24 26.51 -25.78 -0.48
N ASN B 25 25.55 -25.14 -1.14
CA ASN B 25 24.20 -24.94 -0.58
C ASN B 25 23.17 -25.66 -1.42
N CYS B 26 22.17 -26.26 -0.78
CA CYS B 26 20.94 -26.63 -1.47
C CYS B 26 19.80 -25.94 -0.72
N TYR B 27 19.14 -25.02 -1.42
CA TYR B 27 18.07 -24.24 -0.82
C TYR B 27 16.76 -24.77 -1.39
N VAL B 28 15.85 -25.18 -0.51
CA VAL B 28 14.55 -25.71 -0.95
C VAL B 28 13.47 -24.80 -0.40
N SER B 29 12.63 -24.24 -1.24
CA SER B 29 11.65 -23.24 -0.77
C SER B 29 10.29 -23.52 -1.39
N GLY B 30 9.27 -22.92 -0.80
CA GLY B 30 7.94 -22.95 -1.44
C GLY B 30 7.17 -24.24 -1.25
N PHE B 31 7.60 -25.07 -0.30
CA PHE B 31 6.99 -26.42 -0.20
C PHE B 31 5.96 -26.52 0.90
N HIS B 32 5.07 -27.49 0.76
CA HIS B 32 4.05 -27.78 1.80
C HIS B 32 3.52 -29.20 1.52
N PRO B 33 3.44 -30.07 2.53
CA PRO B 33 3.78 -29.93 3.95
C PRO B 33 5.28 -29.94 4.22
N SER B 34 5.63 -29.90 5.50
CA SER B 34 7.05 -29.68 5.82
C SER B 34 7.98 -30.88 5.75
N ASP B 35 7.42 -32.10 5.75
CA ASP B 35 8.22 -33.33 5.71
C ASP B 35 8.96 -33.37 4.36
N ILE B 36 10.29 -33.42 4.41
CA ILE B 36 11.11 -33.32 3.16
C ILE B 36 12.44 -34.03 3.44
N GLU B 37 12.97 -34.72 2.41
CA GLU B 37 14.29 -35.37 2.50
C GLU B 37 15.18 -34.61 1.57
N VAL B 38 16.30 -34.11 2.09
CA VAL B 38 17.25 -33.38 1.25
C VAL B 38 18.66 -33.92 1.53
N ASP B 39 19.37 -34.33 0.49
CA ASP B 39 20.77 -34.77 0.63
C ASP B 39 21.65 -34.05 -0.35
N LEU B 40 22.86 -33.67 0.07
CA LEU B 40 23.86 -33.22 -0.87
C LEU B 40 24.66 -34.43 -1.32
N LEU B 41 24.98 -34.46 -2.63
CA LEU B 41 25.68 -35.57 -3.25
C LEU B 41 27.02 -35.15 -3.83
N LYS B 42 28.04 -35.98 -3.60
CA LYS B 42 29.35 -35.82 -4.20
C LYS B 42 29.60 -37.08 -5.02
N ASN B 43 29.72 -36.90 -6.35
CA ASN B 43 29.86 -38.01 -7.31
C ASN B 43 28.82 -39.11 -7.12
N GLY B 44 27.59 -38.67 -6.89
CA GLY B 44 26.46 -39.57 -6.63
C GLY B 44 26.35 -40.23 -5.26
N GLU B 45 27.25 -39.90 -4.33
CA GLU B 45 27.17 -40.42 -2.98
C GLU B 45 26.76 -39.37 -1.98
N ARG B 46 25.98 -39.80 -0.98
CA ARG B 46 25.53 -38.88 0.07
C ARG B 46 26.71 -38.32 0.88
N ILE B 47 26.70 -37.00 1.06
CA ILE B 47 27.69 -36.31 1.90
C ILE B 47 27.19 -36.38 3.34
N GLU B 48 28.07 -36.76 4.26
CA GLU B 48 27.63 -37.02 5.64
C GLU B 48 27.48 -35.80 6.53
N LYS B 49 28.40 -34.87 6.39
CA LYS B 49 28.53 -33.77 7.34
C LYS B 49 27.75 -32.54 6.81
N VAL B 50 26.42 -32.71 6.72
CA VAL B 50 25.58 -31.65 6.14
C VAL B 50 24.73 -31.00 7.24
N GLU B 51 24.78 -29.68 7.34
CA GLU B 51 23.95 -28.97 8.30
C GLU B 51 22.73 -28.37 7.61
N HIS B 52 21.70 -28.05 8.40
CA HIS B 52 20.60 -27.32 7.79
C HIS B 52 20.08 -26.25 8.72
N SER B 53 19.38 -25.29 8.14
CA SER B 53 18.71 -24.21 8.88
C SER B 53 17.50 -24.72 9.63
N ASP B 54 17.01 -23.92 10.56
CA ASP B 54 15.79 -24.25 11.27
C ASP B 54 14.58 -23.96 10.39
N LEU B 55 13.59 -24.85 10.47
CA LEU B 55 12.42 -24.74 9.62
C LEU B 55 11.69 -23.39 9.82
N SER B 56 11.48 -22.71 8.70
CA SER B 56 10.77 -21.44 8.73
C SER B 56 9.85 -21.40 7.52
N PHE B 57 9.09 -20.34 7.39
CA PHE B 57 8.14 -20.19 6.29
C PHE B 57 7.90 -18.77 5.85
N SER B 58 7.34 -18.66 4.64
CA SER B 58 7.15 -17.39 3.99
C SER B 58 5.77 -16.87 4.27
N LYS B 59 5.47 -15.69 3.73
CA LYS B 59 4.17 -15.00 3.94
C LYS B 59 2.98 -15.84 3.48
N ASP B 60 3.20 -16.66 2.45
CA ASP B 60 2.19 -17.59 1.92
C ASP B 60 2.09 -18.95 2.62
N TRP B 61 2.79 -19.06 3.75
CA TRP B 61 2.84 -20.26 4.60
C TRP B 61 3.73 -21.39 4.08
N SER B 62 4.31 -21.23 2.90
CA SER B 62 5.16 -22.27 2.39
C SER B 62 6.53 -22.28 3.08
N PHE B 63 7.08 -23.47 3.19
CA PHE B 63 8.29 -23.70 3.99
C PHE B 63 9.58 -23.46 3.19
N TYR B 64 10.64 -23.11 3.92
CA TYR B 64 11.98 -23.07 3.28
C TYR B 64 13.07 -23.60 4.23
N LEU B 65 14.08 -24.25 3.64
CA LEU B 65 15.24 -24.80 4.39
C LEU B 65 16.48 -24.61 3.55
N LEU B 66 17.60 -24.34 4.23
CA LEU B 66 18.91 -24.33 3.56
C LEU B 66 19.73 -25.50 4.12
N TYR B 67 20.22 -26.37 3.22
CA TYR B 67 21.18 -27.42 3.54
C TYR B 67 22.52 -27.00 3.00
N TYR B 68 23.57 -27.25 3.78
CA TYR B 68 24.89 -26.74 3.43
C TYR B 68 26.05 -27.50 4.01
N THR B 69 27.18 -27.43 3.30
CA THR B 69 28.40 -28.08 3.73
C THR B 69 29.59 -27.33 3.17
N GLU B 70 30.69 -27.31 3.92
CA GLU B 70 31.94 -26.76 3.46
C GLU B 70 32.46 -27.73 2.39
N PHE B 71 33.04 -27.21 1.31
CA PHE B 71 33.63 -28.07 0.29
C PHE B 71 34.72 -27.33 -0.45
N THR B 72 35.56 -28.05 -1.16
CA THR B 72 36.58 -27.43 -2.00
C THR B 72 36.38 -27.99 -3.40
N PRO B 73 35.84 -27.16 -4.35
CA PRO B 73 35.59 -27.61 -5.73
C PRO B 73 36.85 -28.05 -6.43
N THR B 74 36.71 -29.04 -7.31
CA THR B 74 37.81 -29.49 -8.15
C THR B 74 37.22 -29.56 -9.54
N GLU B 75 38.09 -29.88 -10.49
CA GLU B 75 37.72 -30.09 -11.88
C GLU B 75 36.80 -31.29 -12.07
N LYS B 76 37.16 -32.42 -11.44
CA LYS B 76 36.47 -33.69 -11.64
C LYS B 76 35.20 -33.92 -10.80
N ASP B 77 35.11 -33.33 -9.61
CA ASP B 77 34.03 -33.72 -8.68
C ASP B 77 32.73 -33.07 -9.06
N GLU B 78 31.66 -33.87 -9.05
CA GLU B 78 30.33 -33.49 -9.44
C GLU B 78 29.47 -33.45 -8.18
N TYR B 79 28.75 -32.35 -8.04
CA TYR B 79 27.90 -32.11 -6.86
C TYR B 79 26.43 -32.04 -7.25
N ALA B 80 25.55 -32.50 -6.34
CA ALA B 80 24.10 -32.44 -6.63
C ALA B 80 23.32 -32.34 -5.36
N CYS B 81 22.04 -32.04 -5.49
CA CYS B 81 21.17 -32.12 -4.34
C CYS B 81 19.99 -33.02 -4.70
N ARG B 82 19.67 -33.92 -3.80
CA ARG B 82 18.62 -34.91 -4.02
C ARG B 82 17.51 -34.62 -3.07
N VAL B 83 16.31 -34.41 -3.62
CA VAL B 83 15.17 -34.02 -2.78
C VAL B 83 13.98 -34.98 -2.97
N ASN B 84 13.37 -35.45 -1.87
CA ASN B 84 12.09 -36.16 -1.98
C ASN B 84 11.04 -35.47 -1.12
N HIS B 85 9.78 -35.49 -1.58
CA HIS B 85 8.69 -34.76 -0.95
C HIS B 85 7.44 -35.43 -1.50
N VAL B 86 6.30 -35.30 -0.82
CA VAL B 86 5.04 -35.96 -1.25
C VAL B 86 4.63 -35.55 -2.68
N THR B 87 4.97 -34.31 -3.08
CA THR B 87 4.67 -33.80 -4.42
C THR B 87 5.50 -34.39 -5.56
N LEU B 88 6.62 -35.01 -5.23
CA LEU B 88 7.50 -35.59 -6.26
C LEU B 88 7.28 -37.08 -6.36
N SER B 89 7.02 -37.57 -7.58
CA SER B 89 6.71 -38.98 -7.75
C SER B 89 7.94 -39.86 -7.52
N GLN B 90 9.13 -39.29 -7.71
CA GLN B 90 10.41 -39.95 -7.43
C GLN B 90 11.34 -38.87 -6.93
N PRO B 91 12.44 -39.22 -6.20
CA PRO B 91 13.42 -38.17 -5.84
C PRO B 91 13.94 -37.38 -7.04
N LYS B 92 14.13 -36.09 -6.83
CA LYS B 92 14.54 -35.18 -7.86
C LYS B 92 15.99 -34.81 -7.57
N ILE B 93 16.83 -34.96 -8.59
CA ILE B 93 18.24 -34.60 -8.48
C ILE B 93 18.52 -33.31 -9.28
N VAL B 94 19.01 -32.28 -8.62
CA VAL B 94 19.44 -31.10 -9.37
C VAL B 94 20.97 -31.00 -9.29
N LYS B 95 21.64 -30.98 -10.45
CA LYS B 95 23.11 -30.92 -10.48
C LYS B 95 23.60 -29.47 -10.24
N TRP B 96 24.71 -29.35 -9.51
CA TRP B 96 25.41 -28.09 -9.42
C TRP B 96 26.03 -27.69 -10.74
N ASP B 97 25.72 -26.47 -11.20
CA ASP B 97 26.26 -25.98 -12.45
C ASP B 97 26.97 -24.72 -12.07
N ARG B 98 28.29 -24.72 -12.18
CA ARG B 98 29.07 -23.59 -11.67
C ARG B 98 29.17 -22.45 -12.68
N ASP B 99 28.65 -22.65 -13.89
CA ASP B 99 28.82 -21.66 -15.00
C ASP B 99 27.51 -20.90 -15.33
N MET B 100 26.62 -20.80 -14.37
CA MET B 100 25.39 -20.04 -14.55
C MET B 100 25.59 -18.52 -14.46
N GLU C 1 11.53 -10.42 22.18
CA GLU C 1 11.01 -11.44 23.14
C GLU C 1 9.59 -11.93 22.74
N LEU C 2 9.27 -13.20 23.06
CA LEU C 2 7.94 -13.77 22.80
C LEU C 2 6.82 -13.12 23.61
N ALA C 3 5.59 -13.21 23.08
CA ALA C 3 4.38 -12.86 23.85
C ALA C 3 4.23 -13.77 25.04
N LEU C 6 -3.56 -18.88 24.58
N LEU C 6 -4.31 -18.64 24.63
CA LEU C 6 -4.40 -18.86 23.40
CA LEU C 6 -5.51 -19.06 23.82
C LEU C 6 -4.61 -20.22 22.74
C LEU C 6 -5.52 -20.04 22.62
N THR C 7 -5.85 -20.68 22.60
N THR C 7 -5.94 -21.26 22.93
CA THR C 7 -6.14 -21.91 21.83
CA THR C 7 -6.23 -22.28 21.95
C THR C 7 -7.30 -21.71 20.85
C THR C 7 -7.35 -21.89 20.96
N VAL C 8 -7.27 -22.44 19.74
CA VAL C 8 -8.32 -22.25 18.70
C VAL C 8 -9.66 -22.93 19.03
N GLY D 1 -7.25 -0.30 5.07
CA GLY D 1 -6.47 -0.85 3.91
C GLY D 1 -5.46 0.15 3.35
N SER D 2 -5.79 0.70 2.19
CA SER D 2 -4.90 1.52 1.35
C SER D 2 -4.94 3.02 1.64
N HIS D 3 -3.86 3.76 1.32
CA HIS D 3 -3.78 5.19 1.64
C HIS D 3 -3.07 5.98 0.55
N SER D 4 -3.30 7.30 0.52
CA SER D 4 -2.69 8.16 -0.47
C SER D 4 -2.15 9.45 0.13
N MET D 5 -1.10 10.01 -0.47
CA MET D 5 -0.75 11.39 -0.20
C MET D 5 -0.72 12.09 -1.54
N ARG D 6 -1.32 13.26 -1.61
CA ARG D 6 -1.28 13.99 -2.84
C ARG D 6 -1.03 15.46 -2.62
N TYR D 7 -0.29 16.08 -3.55
CA TYR D 7 -0.13 17.52 -3.52
C TYR D 7 -0.68 18.02 -4.85
N PHE D 8 -1.41 19.14 -4.80
CA PHE D 8 -2.14 19.71 -5.91
C PHE D 8 -1.65 21.15 -6.03
N PHE D 9 -1.35 21.60 -7.26
CA PHE D 9 -0.80 22.92 -7.46
C PHE D 9 -1.56 23.58 -8.56
N THR D 10 -1.98 24.85 -8.35
CA THR D 10 -2.66 25.57 -9.43
C THR D 10 -1.96 26.92 -9.62
N SER D 11 -1.56 27.25 -10.85
CA SER D 11 -1.04 28.58 -11.13
C SER D 11 -1.83 29.20 -12.26
N VAL D 12 -2.22 30.45 -12.07
CA VAL D 12 -3.12 31.11 -13.01
C VAL D 12 -2.49 32.44 -13.39
N SER D 13 -2.24 32.66 -14.68
CA SER D 13 -1.72 33.97 -15.09
C SER D 13 -2.82 35.03 -15.05
N ARG D 14 -2.41 36.27 -14.79
CA ARG D 14 -3.35 37.37 -14.70
C ARG D 14 -2.68 38.63 -15.21
N PRO D 15 -2.56 38.71 -16.53
CA PRO D 15 -1.76 39.75 -17.20
C PRO D 15 -2.24 41.15 -16.80
N GLY D 16 -1.36 41.94 -16.18
CA GLY D 16 -1.73 43.27 -15.66
C GLY D 16 -2.30 43.34 -14.25
N ARG D 17 -2.53 42.19 -13.64
CA ARG D 17 -3.12 42.14 -12.29
C ARG D 17 -2.20 41.39 -11.33
N GLY D 18 -0.90 41.35 -11.67
CA GLY D 18 0.10 40.81 -10.77
C GLY D 18 0.86 39.62 -11.33
N GLU D 19 1.76 39.08 -10.51
CA GLU D 19 2.39 37.80 -10.73
C GLU D 19 1.30 36.73 -10.71
N PRO D 20 1.57 35.54 -11.30
CA PRO D 20 0.53 34.48 -11.32
C PRO D 20 0.07 34.05 -9.94
N ARG D 21 -1.22 33.75 -9.81
CA ARG D 21 -1.74 33.33 -8.55
C ARG D 21 -1.29 31.89 -8.40
N PHE D 22 -0.73 31.53 -7.27
CA PHE D 22 -0.29 30.18 -7.07
C PHE D 22 -0.89 29.62 -5.78
N ILE D 23 -1.56 28.47 -5.84
CA ILE D 23 -2.16 27.85 -4.64
C ILE D 23 -1.74 26.37 -4.61
N ALA D 24 -1.15 25.92 -3.48
CA ALA D 24 -0.74 24.53 -3.33
C ALA D 24 -1.47 23.98 -2.13
N VAL D 25 -1.93 22.74 -2.23
CA VAL D 25 -2.56 22.07 -1.08
C VAL D 25 -2.04 20.66 -1.01
N GLY D 26 -1.93 20.12 0.20
CA GLY D 26 -1.53 18.72 0.39
C GLY D 26 -2.64 17.96 1.11
N TYR D 27 -2.83 16.70 0.74
CA TYR D 27 -3.89 15.84 1.30
C TYR D 27 -3.30 14.52 1.68
N VAL D 28 -3.81 13.92 2.76
CA VAL D 28 -3.60 12.51 2.98
C VAL D 28 -5.00 11.92 2.90
N ASP D 29 -5.19 10.95 1.98
CA ASP D 29 -6.56 10.41 1.67
C ASP D 29 -7.50 11.62 1.37
N ASP D 30 -8.63 11.73 2.08
CA ASP D 30 -9.54 12.88 1.89
C ASP D 30 -9.41 14.00 2.91
N THR D 31 -8.26 14.07 3.59
CA THR D 31 -8.09 15.05 4.61
C THR D 31 -6.95 15.99 4.24
N GLN D 32 -7.28 17.28 4.13
CA GLN D 32 -6.25 18.29 3.82
C GLN D 32 -5.34 18.56 5.02
N PHE D 33 -4.05 18.77 4.75
CA PHE D 33 -3.15 19.10 5.87
C PHE D 33 -2.24 20.33 5.71
N VAL D 34 -1.99 20.80 4.48
CA VAL D 34 -1.19 22.03 4.29
C VAL D 34 -1.75 22.86 3.15
N ARG D 35 -1.42 24.15 3.16
CA ARG D 35 -1.73 25.07 2.08
C ARG D 35 -0.62 26.11 1.92
N PHE D 36 -0.48 26.62 0.71
CA PHE D 36 0.25 27.83 0.45
C PHE D 36 -0.58 28.64 -0.53
N ASP D 37 -0.69 29.94 -0.27
CA ASP D 37 -1.35 30.87 -1.20
C ASP D 37 -0.41 32.01 -1.41
N SER D 38 -0.04 32.22 -2.69
CA SER D 38 0.83 33.34 -3.11
C SER D 38 0.30 34.75 -2.81
N ASP D 39 -1.02 34.90 -2.75
CA ASP D 39 -1.61 36.17 -2.38
C ASP D 39 -1.79 36.38 -0.86
N ALA D 40 -1.58 35.36 -0.02
CA ALA D 40 -1.73 35.58 1.43
C ALA D 40 -0.53 36.35 2.01
N ALA D 41 -0.71 36.93 3.20
CA ALA D 41 0.31 37.80 3.80
C ALA D 41 1.52 37.01 4.30
N SER D 42 1.29 35.79 4.77
CA SER D 42 2.34 35.08 5.49
C SER D 42 3.53 34.65 4.64
N GLN D 43 3.28 34.34 3.36
CA GLN D 43 4.27 33.73 2.47
C GLN D 43 4.91 32.46 3.06
N ARG D 44 4.12 31.69 3.81
CA ARG D 44 4.58 30.49 4.49
C ARG D 44 3.67 29.35 4.08
N MET D 45 4.21 28.14 4.01
CA MET D 45 3.38 26.94 4.03
C MET D 45 2.71 26.91 5.41
N GLU D 46 1.39 26.70 5.44
CA GLU D 46 0.62 26.76 6.68
C GLU D 46 -0.08 25.44 7.01
N PRO D 47 -0.20 25.10 8.31
CA PRO D 47 -0.89 23.86 8.68
C PRO D 47 -2.39 23.97 8.44
N ARG D 48 -3.03 22.87 8.05
CA ARG D 48 -4.49 22.83 7.84
C ARG D 48 -5.12 21.59 8.47
N ALA D 49 -4.36 20.94 9.35
CA ALA D 49 -4.86 19.77 10.08
C ALA D 49 -4.19 19.89 11.41
N PRO D 50 -4.88 19.51 12.48
CA PRO D 50 -4.25 19.62 13.82
C PRO D 50 -2.99 18.77 14.01
N TRP D 51 -2.95 17.61 13.36
CA TRP D 51 -1.84 16.67 13.53
C TRP D 51 -0.52 17.00 12.81
N ILE D 52 -0.57 17.98 11.90
CA ILE D 52 0.64 18.47 11.26
C ILE D 52 1.28 19.62 12.05
N GLU D 53 0.54 20.22 13.00
CA GLU D 53 1.02 21.41 13.73
C GLU D 53 2.28 21.15 14.58
N GLN D 54 2.45 19.89 14.98
CA GLN D 54 3.56 19.46 15.82
C GLN D 54 4.91 19.46 15.10
N GLU D 55 4.89 19.50 13.77
CA GLU D 55 6.15 19.56 13.01
C GLU D 55 6.96 20.80 13.33
N GLY D 56 8.27 20.61 13.37
CA GLY D 56 9.15 21.62 13.91
C GLY D 56 9.55 22.64 12.88
N PRO D 57 10.44 23.56 13.26
CA PRO D 57 10.71 24.71 12.40
C PRO D 57 11.41 24.39 11.11
N GLU D 58 12.24 23.34 11.12
CA GLU D 58 12.94 22.87 9.92
C GLU D 58 11.91 22.42 8.88
N TYR D 59 10.86 21.73 9.37
CA TYR D 59 9.77 21.30 8.50
C TYR D 59 9.13 22.51 7.84
N TRP D 60 8.69 23.50 8.63
CA TRP D 60 7.94 24.62 8.06
C TRP D 60 8.80 25.52 7.14
N ASP D 61 10.07 25.69 7.51
CA ASP D 61 10.99 26.46 6.69
C ASP D 61 11.24 25.70 5.40
N GLY D 62 11.43 24.38 5.50
CA GLY D 62 11.77 23.58 4.31
C GLY D 62 10.61 23.43 3.35
N GLU D 63 9.41 23.21 3.90
CA GLU D 63 8.18 23.19 3.08
C GLU D 63 7.91 24.54 2.39
N THR D 64 8.17 25.64 3.09
CA THR D 64 8.03 26.98 2.54
C THR D 64 9.01 27.20 1.39
N ARG D 65 10.29 26.84 1.61
CA ARG D 65 11.31 26.96 0.57
C ARG D 65 10.95 26.12 -0.68
N LYS D 66 10.54 24.85 -0.46
CA LYS D 66 10.19 24.00 -1.60
C LYS D 66 8.94 24.47 -2.33
N VAL D 67 7.93 24.97 -1.61
CA VAL D 67 6.67 25.37 -2.30
C VAL D 67 6.87 26.64 -3.13
N LYS D 68 7.72 27.54 -2.62
CA LYS D 68 8.14 28.72 -3.38
C LYS D 68 8.89 28.30 -4.64
N ALA D 69 9.74 27.29 -4.53
CA ALA D 69 10.42 26.73 -5.73
C ALA D 69 9.44 26.17 -6.77
N HIS D 70 8.43 25.42 -6.32
CA HIS D 70 7.35 24.96 -7.20
C HIS D 70 6.63 26.15 -7.87
N SER D 71 6.37 27.19 -7.10
CA SER D 71 5.70 28.39 -7.66
C SER D 71 6.53 29.06 -8.77
N GLN D 72 7.83 29.19 -8.53
CA GLN D 72 8.75 29.77 -9.54
C GLN D 72 8.75 28.96 -10.84
N THR D 73 8.79 27.64 -10.71
CA THR D 73 8.82 26.76 -11.84
C THR D 73 7.46 26.87 -12.64
N HIS D 74 6.34 27.01 -11.93
CA HIS D 74 5.06 27.28 -12.66
C HIS D 74 4.98 28.63 -13.34
N ARG D 75 5.62 29.65 -12.76
CA ARG D 75 5.73 30.98 -13.40
C ARG D 75 6.45 30.88 -14.74
N VAL D 76 7.55 30.14 -14.73
CA VAL D 76 8.28 29.88 -15.99
C VAL D 76 7.41 29.08 -16.96
N ASP D 77 6.72 28.05 -16.47
CA ASP D 77 5.85 27.18 -17.29
C ASP D 77 4.80 27.99 -18.05
N LEU D 78 4.14 28.92 -17.36
CA LEU D 78 3.10 29.75 -18.00
C LEU D 78 3.66 30.51 -19.21
N GLY D 79 4.88 31.06 -19.09
CA GLY D 79 5.49 31.71 -20.24
C GLY D 79 5.85 30.71 -21.36
N THR D 80 6.41 29.57 -20.96
CA THR D 80 6.78 28.52 -21.93
C THR D 80 5.60 28.02 -22.73
N LEU D 81 4.49 27.75 -22.04
CA LEU D 81 3.33 27.19 -22.70
C LEU D 81 2.63 28.20 -23.61
N ARG D 82 2.64 29.50 -23.24
CA ARG D 82 2.15 30.54 -24.17
C ARG D 82 2.91 30.48 -25.48
N GLY D 83 4.21 30.24 -25.38
CA GLY D 83 5.09 30.06 -26.54
C GLY D 83 4.76 28.83 -27.32
N TYR D 84 4.61 27.72 -26.62
CA TYR D 84 4.31 26.45 -27.32
C TYR D 84 2.98 26.56 -28.12
N TYR D 85 2.01 27.26 -27.52
CA TYR D 85 0.69 27.29 -28.14
C TYR D 85 0.41 28.59 -28.92
N ASN D 86 1.43 29.46 -29.04
CA ASN D 86 1.34 30.73 -29.81
C ASN D 86 0.13 31.57 -29.32
N GLN D 87 0.08 31.73 -28.01
CA GLN D 87 -1.06 32.44 -27.40
C GLN D 87 -0.63 33.85 -26.95
N SER D 88 -1.59 34.75 -26.86
CA SER D 88 -1.25 36.16 -26.58
C SER D 88 -0.95 36.43 -25.11
N GLU D 89 -0.26 37.55 -24.90
CA GLU D 89 0.08 38.13 -23.59
C GLU D 89 -1.17 38.34 -22.75
N ALA D 90 -2.25 38.68 -23.43
CA ALA D 90 -3.42 39.30 -22.87
C ALA D 90 -4.32 38.35 -22.10
N GLY D 91 -4.30 37.06 -22.44
CA GLY D 91 -5.22 36.11 -21.83
C GLY D 91 -4.72 35.45 -20.57
N SER D 92 -5.67 35.07 -19.69
CA SER D 92 -5.37 34.27 -18.50
C SER D 92 -5.33 32.77 -18.85
N HIS D 93 -4.29 32.05 -18.38
CA HIS D 93 -4.17 30.59 -18.57
C HIS D 93 -3.88 29.88 -17.26
N THR D 94 -4.16 28.57 -17.21
CA THR D 94 -4.07 27.79 -15.96
C THR D 94 -3.13 26.60 -16.14
N VAL D 95 -2.14 26.50 -15.26
CA VAL D 95 -1.35 25.24 -15.14
C VAL D 95 -1.72 24.54 -13.84
N GLN D 96 -1.91 23.24 -13.94
CA GLN D 96 -2.18 22.42 -12.73
C GLN D 96 -1.22 21.29 -12.71
N ARG D 97 -0.77 20.91 -11.53
CA ARG D 97 0.11 19.75 -11.38
C ARG D 97 -0.37 18.99 -10.15
N MET D 98 -0.27 17.67 -10.21
CA MET D 98 -0.56 16.81 -9.04
C MET D 98 0.50 15.76 -8.98
N TYR D 99 1.01 15.50 -7.77
CA TYR D 99 1.87 14.35 -7.61
C TYR D 99 1.66 13.71 -6.28
N GLY D 100 2.07 12.45 -6.16
CA GLY D 100 1.96 11.77 -4.88
C GLY D 100 2.00 10.26 -5.04
N CYS D 101 1.58 9.54 -4.00
CA CYS D 101 1.84 8.11 -3.93
C CYS D 101 0.68 7.45 -3.23
N ASP D 102 0.42 6.21 -3.62
CA ASP D 102 -0.47 5.25 -2.92
C ASP D 102 0.35 4.17 -2.26
N VAL D 103 -0.06 3.80 -1.03
CA VAL D 103 0.43 2.60 -0.35
C VAL D 103 -0.72 1.58 -0.14
N GLY D 104 -0.38 0.28 -0.11
CA GLY D 104 -1.35 -0.79 0.17
C GLY D 104 -1.49 -1.06 1.67
N SER D 105 -2.07 -2.22 2.01
CA SER D 105 -2.32 -2.63 3.40
C SER D 105 -1.06 -2.84 4.24
N ASP D 106 0.03 -3.26 3.58
CA ASP D 106 1.33 -3.45 4.22
C ASP D 106 2.10 -2.13 4.42
N TRP D 107 1.42 -1.02 4.10
CA TRP D 107 1.94 0.36 4.03
C TRP D 107 3.20 0.50 3.16
N ARG D 108 3.33 -0.37 2.17
CA ARG D 108 4.42 -0.31 1.19
C ARG D 108 3.88 0.35 -0.07
N PHE D 109 4.79 0.95 -0.83
CA PHE D 109 4.51 1.55 -2.14
C PHE D 109 3.61 0.73 -3.05
N LEU D 110 2.56 1.35 -3.54
CA LEU D 110 1.66 0.71 -4.50
C LEU D 110 1.71 1.39 -5.88
N ARG D 111 1.55 2.72 -5.92
CA ARG D 111 1.51 3.46 -7.18
C ARG D 111 2.06 4.87 -6.96
N GLY D 112 2.69 5.45 -7.98
CA GLY D 112 3.11 6.84 -7.91
C GLY D 112 2.49 7.61 -9.08
N TYR D 113 2.35 8.93 -8.93
CA TYR D 113 1.69 9.83 -9.94
C TYR D 113 2.44 11.12 -10.04
N HIS D 114 2.50 11.68 -11.25
CA HIS D 114 3.05 13.02 -11.43
C HIS D 114 2.53 13.48 -12.79
N GLN D 115 1.61 14.45 -12.76
CA GLN D 115 0.63 14.69 -13.84
C GLN D 115 0.48 16.22 -13.98
N TYR D 116 0.40 16.76 -15.22
CA TYR D 116 0.23 18.19 -15.49
C TYR D 116 -0.98 18.41 -16.41
N ALA D 117 -1.66 19.54 -16.23
CA ALA D 117 -2.71 19.96 -17.16
C ALA D 117 -2.49 21.39 -17.56
N TYR D 118 -2.92 21.74 -18.76
CA TYR D 118 -2.83 23.13 -19.17
C TYR D 118 -4.22 23.52 -19.69
N ASP D 119 -4.75 24.60 -19.13
CA ASP D 119 -6.12 25.11 -19.46
C ASP D 119 -7.20 24.03 -19.36
N GLY D 120 -7.05 23.21 -18.33
CA GLY D 120 -8.07 22.18 -18.01
C GLY D 120 -8.01 20.85 -18.74
N LYS D 121 -6.99 20.69 -19.58
CA LYS D 121 -6.81 19.47 -20.40
C LYS D 121 -5.52 18.77 -19.96
N ASP D 122 -5.52 17.43 -19.97
CA ASP D 122 -4.27 16.69 -19.78
C ASP D 122 -3.17 17.23 -20.70
N TYR D 123 -1.99 17.40 -20.12
CA TYR D 123 -0.83 17.93 -20.81
C TYR D 123 0.20 16.77 -20.87
N ILE D 124 0.78 16.40 -19.72
CA ILE D 124 1.74 15.31 -19.71
C ILE D 124 1.58 14.59 -18.36
N ALA D 125 1.70 13.27 -18.40
CA ALA D 125 1.55 12.43 -17.20
C ALA D 125 2.59 11.32 -17.13
N LEU D 126 3.20 11.14 -15.96
CA LEU D 126 4.02 9.93 -15.72
C LEU D 126 3.15 8.67 -15.76
N LYS D 127 3.59 7.66 -16.51
CA LYS D 127 2.86 6.43 -16.58
C LYS D 127 3.12 5.63 -15.33
N GLU D 128 2.34 4.57 -15.13
CA GLU D 128 2.41 3.77 -13.91
C GLU D 128 3.77 3.08 -13.72
N ASP D 129 4.44 2.77 -14.84
CA ASP D 129 5.80 2.23 -14.76
C ASP D 129 6.89 3.16 -14.22
N LEU D 130 6.55 4.46 -14.12
CA LEU D 130 7.45 5.51 -13.59
C LEU D 130 8.69 5.72 -14.46
N ARG D 131 8.58 5.38 -15.73
CA ARG D 131 9.73 5.57 -16.63
C ARG D 131 9.31 5.96 -18.03
N SER D 132 8.05 6.30 -18.21
CA SER D 132 7.53 6.73 -19.52
C SER D 132 6.43 7.74 -19.30
N TRP D 133 6.13 8.51 -20.35
CA TRP D 133 5.26 9.67 -20.31
C TRP D 133 4.11 9.53 -21.30
N THR D 134 2.93 10.00 -20.91
CA THR D 134 1.79 10.14 -21.82
C THR D 134 1.69 11.63 -22.15
N ALA D 135 1.85 11.99 -23.43
CA ALA D 135 1.88 13.39 -23.87
C ALA D 135 1.01 13.45 -25.12
N ALA D 136 -0.23 13.87 -24.97
CA ALA D 136 -1.16 13.79 -26.09
C ALA D 136 -1.53 15.13 -26.65
N ASP D 137 -0.53 16.02 -26.80
CA ASP D 137 -0.55 16.93 -27.94
CA ASP D 137 -0.52 17.17 -27.72
C ASP D 137 0.90 17.23 -28.31
N MET D 138 1.09 17.92 -29.43
CA MET D 138 2.43 18.10 -29.94
C MET D 138 3.30 18.94 -28.99
N ALA D 139 2.69 19.94 -28.33
CA ALA D 139 3.42 20.76 -27.35
C ALA D 139 3.93 19.91 -26.19
N ALA D 140 3.08 19.02 -25.71
CA ALA D 140 3.48 18.09 -24.65
C ALA D 140 4.56 17.13 -25.09
N GLN D 141 4.63 16.80 -26.39
CA GLN D 141 5.73 15.99 -26.94
CA GLN D 141 5.71 15.99 -26.87
C GLN D 141 7.08 16.74 -26.83
N THR D 142 7.05 18.06 -27.04
CA THR D 142 8.24 18.87 -26.84
C THR D 142 8.76 18.74 -25.41
N THR D 143 7.83 18.88 -24.45
CA THR D 143 8.16 18.74 -23.04
C THR D 143 8.71 17.34 -22.78
N LYS D 144 8.03 16.36 -23.35
CA LYS D 144 8.49 14.96 -23.23
C LYS D 144 9.95 14.74 -23.70
N HIS D 145 10.31 15.32 -24.85
CA HIS D 145 11.67 15.19 -25.32
C HIS D 145 12.67 15.80 -24.32
N LYS D 146 12.31 17.00 -23.79
CA LYS D 146 13.20 17.68 -22.82
C LYS D 146 13.32 16.88 -21.51
N TRP D 147 12.20 16.30 -21.10
CA TRP D 147 12.20 15.50 -19.84
C TRP D 147 12.88 14.15 -19.98
N GLU D 148 12.82 13.60 -21.19
CA GLU D 148 13.55 12.36 -21.47
C GLU D 148 15.03 12.69 -21.49
N ALA D 149 15.42 13.79 -22.15
CA ALA D 149 16.86 14.11 -22.23
C ALA D 149 17.48 14.47 -20.89
N ALA D 150 16.68 15.09 -20.03
CA ALA D 150 17.05 15.43 -18.64
C ALA D 150 16.85 14.30 -17.59
N HIS D 151 16.38 13.12 -18.01
CA HIS D 151 16.12 11.98 -17.09
C HIS D 151 15.23 12.38 -15.91
N VAL D 152 14.15 13.10 -16.22
CA VAL D 152 13.22 13.55 -15.21
C VAL D 152 12.54 12.38 -14.48
N ALA D 153 12.09 11.39 -15.24
CA ALA D 153 11.34 10.25 -14.65
C ALA D 153 12.15 9.56 -13.55
N GLU D 154 13.43 9.34 -13.82
CA GLU D 154 14.34 8.70 -12.87
C GLU D 154 14.40 9.50 -11.57
N GLN D 155 14.55 10.82 -11.71
CA GLN D 155 14.62 11.72 -10.56
C GLN D 155 13.34 11.79 -9.76
N LEU D 156 12.17 11.61 -10.40
CA LEU D 156 10.89 11.64 -9.70
C LEU D 156 10.60 10.32 -8.96
N ARG D 157 11.09 9.21 -9.54
CA ARG D 157 10.87 7.86 -9.01
C ARG D 157 11.32 7.71 -7.57
N ALA D 158 12.48 8.30 -7.28
CA ALA D 158 13.11 8.29 -5.98
C ALA D 158 12.27 8.97 -4.87
N TYR D 159 11.63 10.08 -5.23
CA TYR D 159 10.71 10.71 -4.33
C TYR D 159 9.46 9.85 -4.19
N LEU D 160 8.90 9.38 -5.31
CA LEU D 160 7.56 8.78 -5.30
C LEU D 160 7.56 7.41 -4.63
N GLU D 161 8.66 6.68 -4.79
CA GLU D 161 8.76 5.37 -4.18
C GLU D 161 9.33 5.40 -2.79
N GLY D 162 10.04 6.47 -2.46
CA GLY D 162 10.79 6.57 -1.22
C GLY D 162 10.19 7.55 -0.25
N THR D 163 10.66 8.79 -0.34
CA THR D 163 10.30 9.92 0.52
C THR D 163 8.80 10.10 0.70
N CYS D 164 8.06 10.04 -0.39
CA CYS D 164 6.58 10.20 -0.36
C CYS D 164 5.95 9.18 0.58
N VAL D 165 6.36 7.93 0.41
CA VAL D 165 5.90 6.82 1.27
C VAL D 165 6.31 7.03 2.74
N GLU D 166 7.56 7.42 2.95
CA GLU D 166 8.07 7.64 4.33
C GLU D 166 7.26 8.69 5.09
N TRP D 167 6.97 9.79 4.41
CA TRP D 167 6.22 10.87 5.03
C TRP D 167 4.73 10.53 5.16
N LEU D 168 4.16 9.82 4.18
CA LEU D 168 2.78 9.32 4.27
C LEU D 168 2.62 8.44 5.52
N ARG D 169 3.57 7.55 5.77
CA ARG D 169 3.55 6.73 7.00
C ARG D 169 3.63 7.56 8.26
N ARG D 170 4.54 8.53 8.30
CA ARG D 170 4.66 9.43 9.45
C ARG D 170 3.34 10.19 9.72
N TYR D 171 2.72 10.71 8.66
CA TYR D 171 1.47 11.45 8.83
C TYR D 171 0.35 10.55 9.33
N LEU D 172 0.26 9.34 8.74
CA LEU D 172 -0.71 8.32 9.18
C LEU D 172 -0.56 7.90 10.64
N GLU D 173 0.68 7.90 11.12
CA GLU D 173 0.95 7.66 12.53
C GLU D 173 0.52 8.84 13.40
N ASN D 174 0.97 10.05 13.04
CA ASN D 174 0.70 11.24 13.84
C ASN D 174 -0.76 11.67 13.88
N GLY D 175 -1.44 11.44 12.77
CA GLY D 175 -2.86 11.72 12.69
C GLY D 175 -3.70 10.47 12.70
N LYS D 176 -3.26 9.44 13.44
CA LYS D 176 -3.93 8.13 13.48
C LYS D 176 -5.43 8.19 13.71
N GLU D 177 -5.85 8.99 14.69
CA GLU D 177 -7.27 9.09 15.07
C GLU D 177 -8.17 9.61 13.93
N THR D 178 -7.64 10.55 13.17
CA THR D 178 -8.31 11.14 11.96
C THR D 178 -8.18 10.29 10.69
N LEU D 179 -6.96 9.83 10.43
CA LEU D 179 -6.68 9.21 9.15
C LEU D 179 -6.96 7.71 9.10
N GLN D 180 -6.73 7.01 10.21
CA GLN D 180 -6.95 5.56 10.25
C GLN D 180 -8.32 5.31 10.85
N ARG D 181 -9.33 5.76 10.12
CA ARG D 181 -10.67 5.63 10.60
C ARG D 181 -11.63 5.44 9.44
N THR D 182 -12.74 4.84 9.77
CA THR D 182 -13.81 4.68 8.81
CA THR D 182 -13.84 4.60 8.83
C THR D 182 -15.12 5.06 9.51
N ASP D 183 -15.86 5.98 8.89
CA ASP D 183 -17.20 6.33 9.42
C ASP D 183 -18.22 5.80 8.42
N ALA D 184 -19.01 4.81 8.82
CA ALA D 184 -20.04 4.28 7.95
C ALA D 184 -21.14 5.32 7.76
N PRO D 185 -21.71 5.41 6.54
CA PRO D 185 -22.81 6.34 6.23
C PRO D 185 -24.07 6.05 7.06
N LYS D 186 -24.68 7.12 7.54
CA LYS D 186 -26.00 7.01 8.14
C LYS D 186 -27.00 7.27 7.01
N THR D 187 -27.85 6.29 6.77
CA THR D 187 -28.67 6.33 5.54
C THR D 187 -30.15 6.48 5.82
N HIS D 188 -30.88 7.07 4.86
CA HIS D 188 -32.32 7.10 4.91
C HIS D 188 -32.82 7.55 3.55
N MET D 189 -34.09 7.37 3.31
CA MET D 189 -34.66 7.90 2.08
C MET D 189 -35.80 8.88 2.42
N THR D 190 -35.97 9.90 1.61
CA THR D 190 -37.07 10.86 1.78
C THR D 190 -38.08 10.75 0.65
N HIS D 191 -39.31 11.15 0.94
CA HIS D 191 -40.39 11.06 -0.06
C HIS D 191 -41.13 12.38 -0.11
N HIS D 192 -41.20 13.01 -1.30
CA HIS D 192 -42.05 14.22 -1.43
C HIS D 192 -42.85 14.25 -2.72
N ALA D 193 -44.15 14.48 -2.61
CA ALA D 193 -44.96 14.57 -3.83
C ALA D 193 -44.48 15.78 -4.64
N VAL D 194 -44.36 15.64 -5.95
CA VAL D 194 -44.14 16.83 -6.79
C VAL D 194 -45.40 17.28 -7.50
N SER D 195 -46.39 16.39 -7.53
CA SER D 195 -47.75 16.64 -7.99
C SER D 195 -48.63 15.54 -7.41
N ASP D 196 -49.90 15.47 -7.86
CA ASP D 196 -50.76 14.38 -7.33
C ASP D 196 -50.49 13.01 -7.97
N HIS D 197 -49.56 12.97 -8.95
CA HIS D 197 -49.26 11.72 -9.60
C HIS D 197 -47.77 11.36 -9.65
N GLU D 198 -46.87 12.21 -9.12
CA GLU D 198 -45.45 11.85 -9.08
C GLU D 198 -44.82 12.19 -7.75
N ALA D 199 -43.78 11.45 -7.37
CA ALA D 199 -43.05 11.73 -6.11
C ALA D 199 -41.54 11.70 -6.31
N THR D 200 -40.80 12.53 -5.57
CA THR D 200 -39.35 12.39 -5.55
C THR D 200 -38.94 11.49 -4.41
N LEU D 201 -38.15 10.47 -4.74
CA LEU D 201 -37.51 9.58 -3.73
C LEU D 201 -36.07 9.96 -3.72
N ARG D 202 -35.56 10.35 -2.55
CA ARG D 202 -34.14 10.74 -2.48
C ARG D 202 -33.45 9.86 -1.43
N CYS D 203 -32.37 9.17 -1.83
CA CYS D 203 -31.66 8.26 -0.96
C CYS D 203 -30.45 9.04 -0.44
N TRP D 204 -30.30 9.12 0.89
CA TRP D 204 -29.27 9.95 1.49
C TRP D 204 -28.19 9.11 2.18
N ALA D 205 -26.95 9.57 2.10
CA ALA D 205 -25.89 9.02 2.92
C ALA D 205 -25.24 10.19 3.60
N LEU D 206 -25.09 10.10 4.92
CA LEU D 206 -24.56 11.22 5.69
C LEU D 206 -23.46 10.76 6.63
N SER D 207 -22.56 11.68 6.96
CA SER D 207 -21.58 11.50 8.07
C SER D 207 -20.59 10.39 7.80
N PHE D 208 -20.20 10.25 6.54
CA PHE D 208 -19.29 9.17 6.20
C PHE D 208 -17.87 9.61 5.89
N TYR D 209 -16.96 8.68 6.05
CA TYR D 209 -15.52 8.89 5.75
C TYR D 209 -14.87 7.55 5.52
N PRO D 210 -14.04 7.39 4.45
CA PRO D 210 -13.61 8.32 3.42
C PRO D 210 -14.73 8.62 2.43
N ALA D 211 -14.44 9.50 1.49
CA ALA D 211 -15.46 10.06 0.59
C ALA D 211 -16.04 9.04 -0.40
N GLU D 212 -15.24 8.01 -0.75
CA GLU D 212 -15.64 7.03 -1.76
C GLU D 212 -16.91 6.29 -1.34
N ILE D 213 -17.93 6.32 -2.19
CA ILE D 213 -19.25 5.73 -1.87
C ILE D 213 -19.98 5.45 -3.20
N THR D 214 -20.89 4.47 -3.19
CA THR D 214 -21.76 4.24 -4.33
C THR D 214 -23.21 4.22 -3.84
N LEU D 215 -24.06 5.04 -4.51
CA LEU D 215 -25.50 5.07 -4.29
C LEU D 215 -26.22 4.75 -5.60
N THR D 216 -27.11 3.75 -5.59
CA THR D 216 -27.78 3.34 -6.83
CA THR D 216 -27.79 3.37 -6.83
C THR D 216 -29.25 3.04 -6.56
N TRP D 217 -30.12 3.48 -7.45
CA TRP D 217 -31.55 3.13 -7.35
C TRP D 217 -31.85 1.95 -8.26
N GLN D 218 -32.64 1.01 -7.75
CA GLN D 218 -33.19 -0.09 -8.58
C GLN D 218 -34.71 0.01 -8.65
N ARG D 219 -35.28 -0.30 -9.82
CA ARG D 219 -36.72 -0.47 -9.98
C ARG D 219 -36.94 -1.95 -10.30
N ASP D 220 -37.64 -2.67 -9.43
CA ASP D 220 -37.74 -4.14 -9.56
C ASP D 220 -36.42 -4.86 -9.84
N GLY D 221 -35.32 -4.46 -9.21
CA GLY D 221 -34.07 -5.10 -9.56
C GLY D 221 -33.27 -4.48 -10.68
N GLU D 222 -33.87 -3.59 -11.48
CA GLU D 222 -33.11 -3.02 -12.61
C GLU D 222 -32.49 -1.67 -12.27
N ASP D 223 -31.18 -1.51 -12.54
CA ASP D 223 -30.52 -0.21 -12.21
C ASP D 223 -31.14 0.96 -12.99
N GLN D 224 -31.38 2.07 -12.29
CA GLN D 224 -32.04 3.23 -12.87
C GLN D 224 -31.09 4.41 -13.15
N THR D 225 -29.90 4.06 -13.62
CA THR D 225 -28.82 5.04 -13.79
C THR D 225 -29.18 6.31 -14.61
N GLN D 226 -29.84 6.10 -15.75
CA GLN D 226 -30.23 7.22 -16.62
C GLN D 226 -31.37 8.12 -16.11
N ASP D 227 -32.16 7.63 -15.14
CA ASP D 227 -33.16 8.46 -14.54
C ASP D 227 -32.81 8.99 -13.14
N THR D 228 -31.59 8.67 -12.68
CA THR D 228 -31.17 9.05 -11.34
C THR D 228 -30.44 10.41 -11.41
N GLU D 229 -30.82 11.33 -10.54
CA GLU D 229 -30.00 12.52 -10.31
C GLU D 229 -29.05 12.20 -9.16
N LEU D 230 -27.76 12.24 -9.43
CA LEU D 230 -26.75 11.86 -8.45
C LEU D 230 -25.87 13.08 -8.20
N VAL D 231 -25.87 13.65 -6.98
CA VAL D 231 -25.05 14.85 -6.78
C VAL D 231 -23.61 14.46 -6.45
N GLU D 232 -22.69 15.39 -6.70
CA GLU D 232 -21.33 15.22 -6.28
C GLU D 232 -21.21 15.04 -4.75
N THR D 233 -20.36 14.11 -4.35
CA THR D 233 -20.07 13.89 -2.93
C THR D 233 -19.51 15.17 -2.40
N ARG D 234 -20.01 15.58 -1.23
CA ARG D 234 -19.77 16.92 -0.74
C ARG D 234 -19.30 16.88 0.71
N PRO D 235 -18.39 17.81 1.08
CA PRO D 235 -17.92 17.83 2.47
C PRO D 235 -18.94 18.41 3.43
N ALA D 236 -19.08 17.80 4.61
CA ALA D 236 -19.96 18.41 5.60
C ALA D 236 -19.32 19.59 6.35
N GLY D 237 -17.97 19.63 6.36
CA GLY D 237 -17.20 20.67 7.04
C GLY D 237 -16.53 20.20 8.30
N ASP D 238 -16.92 19.00 8.74
CA ASP D 238 -16.42 18.44 9.99
C ASP D 238 -15.52 17.22 9.76
N GLY D 239 -15.06 17.01 8.52
CA GLY D 239 -14.25 15.83 8.23
C GLY D 239 -15.04 14.63 7.71
N THR D 240 -16.36 14.79 7.58
CA THR D 240 -17.18 13.75 6.94
C THR D 240 -17.81 14.26 5.65
N PHE D 241 -18.41 13.33 4.93
CA PHE D 241 -19.03 13.63 3.63
C PHE D 241 -20.48 13.27 3.57
N GLN D 242 -21.15 13.81 2.56
CA GLN D 242 -22.55 13.55 2.29
C GLN D 242 -22.76 13.31 0.81
N LYS D 243 -23.84 12.59 0.50
CA LYS D 243 -24.21 12.38 -0.93
C LYS D 243 -25.67 11.98 -0.98
N TRP D 244 -26.35 12.34 -2.06
CA TRP D 244 -27.68 11.80 -2.29
C TRP D 244 -27.93 11.42 -3.75
N ALA D 245 -28.90 10.55 -3.95
CA ALA D 245 -29.37 10.18 -5.31
C ALA D 245 -30.87 10.27 -5.33
N ALA D 246 -31.43 10.84 -6.40
CA ALA D 246 -32.89 10.96 -6.45
C ALA D 246 -33.48 10.45 -7.73
N VAL D 247 -34.70 9.94 -7.60
CA VAL D 247 -35.52 9.55 -8.79
C VAL D 247 -36.90 10.16 -8.67
N VAL D 248 -37.54 10.48 -9.79
CA VAL D 248 -38.96 10.93 -9.77
C VAL D 248 -39.80 9.77 -10.32
N VAL D 249 -40.82 9.38 -9.57
CA VAL D 249 -41.47 8.08 -9.76
C VAL D 249 -42.99 8.34 -9.80
N PRO D 250 -43.73 7.53 -10.56
CA PRO D 250 -45.22 7.61 -10.45
C PRO D 250 -45.72 7.23 -9.05
N SER D 251 -46.59 8.07 -8.48
CA SER D 251 -47.19 7.80 -7.17
C SER D 251 -47.84 6.45 -7.18
N GLY D 252 -47.53 5.62 -6.19
CA GLY D 252 -48.03 4.25 -6.13
C GLY D 252 -46.95 3.22 -6.41
N GLN D 253 -45.89 3.63 -7.11
CA GLN D 253 -44.84 2.68 -7.49
C GLN D 253 -43.66 2.65 -6.50
N GLU D 254 -43.80 3.34 -5.37
CA GLU D 254 -42.67 3.45 -4.42
C GLU D 254 -42.04 2.13 -4.02
N GLN D 255 -42.89 1.11 -3.81
CA GLN D 255 -42.43 -0.16 -3.30
C GLN D 255 -41.60 -0.89 -4.36
N ARG D 256 -41.65 -0.42 -5.61
CA ARG D 256 -40.78 -1.02 -6.64
C ARG D 256 -39.33 -0.57 -6.55
N TYR D 257 -39.09 0.53 -5.84
CA TYR D 257 -37.81 1.22 -5.87
C TYR D 257 -37.01 1.01 -4.62
N THR D 258 -35.75 0.65 -4.82
CA THR D 258 -34.87 0.41 -3.67
C THR D 258 -33.56 1.16 -3.90
N CYS D 259 -32.99 1.69 -2.83
CA CYS D 259 -31.67 2.37 -2.88
C CYS D 259 -30.59 1.48 -2.29
N HIS D 260 -29.44 1.43 -2.96
CA HIS D 260 -28.37 0.48 -2.62
C HIS D 260 -27.13 1.28 -2.29
N VAL D 261 -26.54 1.00 -1.12
CA VAL D 261 -25.47 1.83 -0.62
C VAL D 261 -24.25 0.95 -0.38
N GLN D 262 -23.13 1.37 -0.96
CA GLN D 262 -21.86 0.70 -0.75
C GLN D 262 -20.81 1.66 -0.21
N HIS D 263 -20.16 1.25 0.88
CA HIS D 263 -19.12 2.04 1.53
C HIS D 263 -18.24 1.07 2.32
N GLU D 264 -16.96 1.39 2.42
CA GLU D 264 -16.03 0.53 3.16
C GLU D 264 -16.34 0.35 4.66
N GLY D 265 -17.05 1.32 5.26
CA GLY D 265 -17.55 1.23 6.63
C GLY D 265 -18.71 0.28 6.87
N LEU D 266 -19.37 -0.12 5.79
CA LEU D 266 -20.48 -1.04 5.90
C LEU D 266 -19.98 -2.50 5.98
N PRO D 267 -20.51 -3.31 6.93
CA PRO D 267 -20.17 -4.74 6.96
C PRO D 267 -20.56 -5.44 5.66
N LYS D 268 -21.67 -5.02 5.04
CA LYS D 268 -22.21 -5.58 3.79
C LYS D 268 -22.90 -4.38 3.11
N PRO D 269 -23.11 -4.41 1.76
CA PRO D 269 -23.87 -3.30 1.14
C PRO D 269 -25.31 -3.23 1.67
N LEU D 270 -25.85 -2.00 1.82
CA LEU D 270 -27.17 -1.81 2.42
C LEU D 270 -28.22 -1.63 1.34
N THR D 271 -29.39 -2.23 1.55
CA THR D 271 -30.54 -1.95 0.72
C THR D 271 -31.59 -1.24 1.57
N LEU D 272 -32.07 -0.11 1.08
CA LEU D 272 -33.20 0.59 1.74
C LEU D 272 -34.44 0.44 0.91
N ARG D 273 -35.58 0.24 1.58
CA ARG D 273 -36.82 -0.13 0.88
C ARG D 273 -37.94 0.74 1.34
N TRP D 274 -39.00 0.77 0.52
CA TRP D 274 -40.22 1.47 0.93
C TRP D 274 -41.31 0.58 1.59
N GLU D 275 -40.91 -0.52 2.23
CA GLU D 275 -41.82 -1.35 3.08
C GLU D 275 -40.95 -2.21 3.97
N MET E 1 -11.24 28.05 -25.26
CA MET E 1 -10.68 27.31 -24.12
CA MET E 1 -10.71 27.40 -24.04
C MET E 1 -11.77 26.46 -23.45
N ILE E 2 -11.34 25.43 -22.72
CA ILE E 2 -12.25 24.62 -21.91
C ILE E 2 -12.92 25.49 -20.87
N GLN E 3 -14.24 25.31 -20.77
CA GLN E 3 -14.96 25.92 -19.67
C GLN E 3 -15.92 24.87 -19.13
N ARG E 4 -16.02 24.75 -17.82
CA ARG E 4 -16.93 23.76 -17.23
C ARG E 4 -17.73 24.49 -16.17
N THR E 5 -19.03 24.22 -16.14
CA THR E 5 -19.99 24.94 -15.26
C THR E 5 -19.91 24.46 -13.81
N PRO E 6 -19.94 25.38 -12.83
CA PRO E 6 -20.01 24.85 -11.43
C PRO E 6 -21.32 24.13 -11.13
N LYS E 7 -21.19 23.03 -10.37
CA LYS E 7 -22.34 22.29 -9.80
C LYS E 7 -22.45 22.83 -8.38
N ILE E 8 -23.61 23.41 -8.05
CA ILE E 8 -23.70 24.22 -6.83
C ILE E 8 -24.62 23.43 -5.90
N GLN E 9 -24.17 23.23 -4.68
CA GLN E 9 -25.03 22.63 -3.63
C GLN E 9 -25.05 23.48 -2.40
N VAL E 10 -26.25 23.75 -1.88
CA VAL E 10 -26.42 24.56 -0.66
C VAL E 10 -27.09 23.71 0.40
N TYR E 11 -26.51 23.63 1.61
CA TYR E 11 -27.01 22.62 2.56
C TYR E 11 -26.43 22.89 3.92
N SER E 12 -27.07 22.35 4.95
CA SER E 12 -26.48 22.42 6.28
C SER E 12 -25.57 21.23 6.59
N ARG E 13 -24.59 21.47 7.49
CA ARG E 13 -23.74 20.40 7.98
C ARG E 13 -24.52 19.30 8.71
N HIS E 14 -25.44 19.71 9.59
CA HIS E 14 -26.24 18.83 10.41
C HIS E 14 -27.71 19.06 10.06
N PRO E 15 -28.61 18.07 10.34
CA PRO E 15 -30.03 18.25 10.01
C PRO E 15 -30.57 19.51 10.71
N ALA E 16 -31.28 20.39 10.01
CA ALA E 16 -31.62 21.70 10.59
C ALA E 16 -32.72 21.63 11.63
N GLU E 17 -32.56 22.41 12.69
CA GLU E 17 -33.55 22.51 13.75
CA GLU E 17 -33.55 22.50 13.75
C GLU E 17 -33.62 23.98 14.16
N ASN E 18 -34.81 24.57 14.14
CA ASN E 18 -34.97 25.99 14.44
C ASN E 18 -34.40 26.34 15.81
N GLY E 19 -33.55 27.37 15.88
CA GLY E 19 -33.01 27.80 17.17
C GLY E 19 -31.68 27.16 17.53
N LYS E 20 -31.22 26.21 16.72
CA LYS E 20 -30.00 25.51 17.07
C LYS E 20 -28.87 25.83 16.09
N SER E 21 -27.69 26.22 16.63
CA SER E 21 -26.58 26.58 15.73
C SER E 21 -26.13 25.42 14.87
N ASN E 22 -25.64 25.75 13.67
CA ASN E 22 -25.37 24.80 12.61
C ASN E 22 -24.38 25.54 11.70
N PHE E 23 -24.04 24.92 10.57
CA PHE E 23 -23.19 25.53 9.57
C PHE E 23 -23.88 25.44 8.23
N LEU E 24 -23.91 26.56 7.52
CA LEU E 24 -24.49 26.62 6.18
C LEU E 24 -23.34 26.51 5.21
N ASN E 25 -23.46 25.58 4.24
CA ASN E 25 -22.44 25.29 3.24
C ASN E 25 -22.91 25.61 1.86
N CYS E 26 -22.03 26.18 1.04
CA CYS E 26 -22.27 26.20 -0.40
C CYS E 26 -21.04 25.57 -1.04
N TYR E 27 -21.25 24.38 -1.60
CA TYR E 27 -20.16 23.63 -2.23
C TYR E 27 -20.28 23.83 -3.75
N VAL E 28 -19.20 24.27 -4.36
CA VAL E 28 -19.18 24.44 -5.84
C VAL E 28 -18.15 23.49 -6.37
N SER E 29 -18.50 22.66 -7.34
CA SER E 29 -17.52 21.68 -7.85
C SER E 29 -17.60 21.57 -9.35
N GLY E 30 -16.64 20.90 -9.95
CA GLY E 30 -16.74 20.62 -11.37
C GLY E 30 -16.41 21.77 -12.29
N PHE E 31 -15.83 22.88 -11.79
CA PHE E 31 -15.76 24.13 -12.63
C PHE E 31 -14.38 24.38 -13.22
N HIS E 32 -14.34 25.13 -14.33
CA HIS E 32 -13.05 25.50 -14.97
C HIS E 32 -13.39 26.71 -15.86
N PRO E 33 -12.60 27.79 -15.82
CA PRO E 33 -11.37 28.06 -15.03
C PRO E 33 -11.70 28.34 -13.57
N SER E 34 -10.65 28.66 -12.79
CA SER E 34 -10.83 28.74 -11.34
C SER E 34 -11.49 30.02 -10.81
N ASP E 35 -11.53 31.10 -11.60
CA ASP E 35 -12.11 32.36 -11.12
C ASP E 35 -13.61 32.14 -10.90
N ILE E 36 -14.06 32.35 -9.67
CA ILE E 36 -15.47 32.15 -9.34
C ILE E 36 -15.87 33.13 -8.21
N GLU E 37 -17.12 33.61 -8.21
CA GLU E 37 -17.62 34.45 -7.10
C GLU E 37 -18.71 33.62 -6.41
N VAL E 38 -18.56 33.45 -5.10
CA VAL E 38 -19.55 32.69 -4.32
C VAL E 38 -19.98 33.54 -3.12
N ASP E 39 -21.28 33.77 -2.98
CA ASP E 39 -21.79 34.52 -1.82
C ASP E 39 -22.87 33.70 -1.15
N LEU E 40 -22.84 33.65 0.17
CA LEU E 40 -24.00 33.16 0.91
C LEU E 40 -24.93 34.31 1.28
N LEU E 41 -26.24 34.06 1.16
CA LEU E 41 -27.23 35.10 1.33
C LEU E 41 -28.16 34.75 2.48
N LYS E 42 -28.50 35.76 3.30
CA LYS E 42 -29.54 35.64 4.34
C LYS E 42 -30.56 36.68 3.98
N ASN E 43 -31.78 36.20 3.65
CA ASN E 43 -32.89 37.01 3.14
C ASN E 43 -32.47 37.96 2.03
N GLY E 44 -31.69 37.43 1.10
CA GLY E 44 -31.22 38.24 -0.02
C GLY E 44 -29.94 39.04 0.18
N GLU E 45 -29.47 39.17 1.42
CA GLU E 45 -28.30 40.00 1.75
C GLU E 45 -27.03 39.17 1.87
N ARG E 46 -25.93 39.67 1.30
CA ARG E 46 -24.67 38.97 1.40
C ARG E 46 -24.21 38.83 2.87
N ILE E 47 -23.89 37.61 3.27
CA ILE E 47 -23.31 37.36 4.59
C ILE E 47 -21.81 37.66 4.49
N GLU E 48 -21.34 38.56 5.36
CA GLU E 48 -19.96 39.01 5.25
C GLU E 48 -18.93 38.09 5.92
N LYS E 49 -19.27 37.42 7.02
CA LYS E 49 -18.31 36.47 7.68
C LYS E 49 -18.36 35.05 7.09
N VAL E 50 -17.98 34.93 5.83
CA VAL E 50 -18.01 33.63 5.20
C VAL E 50 -16.57 33.19 5.00
N GLU E 51 -16.27 31.94 5.33
CA GLU E 51 -14.94 31.42 5.13
C GLU E 51 -14.96 30.51 3.91
N HIS E 52 -13.81 30.20 3.33
CA HIS E 52 -13.82 29.18 2.27
C HIS E 52 -12.59 28.27 2.32
N SER E 53 -12.72 27.11 1.70
CA SER E 53 -11.62 26.15 1.62
C SER E 53 -10.56 26.64 0.63
N ASP E 54 -9.39 26.03 0.70
CA ASP E 54 -8.31 26.34 -0.21
C ASP E 54 -8.60 25.67 -1.55
N LEU E 55 -8.30 26.36 -2.66
CA LEU E 55 -8.65 25.86 -3.99
C LEU E 55 -7.95 24.53 -4.22
N SER E 56 -8.74 23.55 -4.63
CA SER E 56 -8.23 22.23 -4.96
C SER E 56 -8.99 21.73 -6.18
N PHE E 57 -8.61 20.55 -6.65
CA PHE E 57 -9.24 20.01 -7.86
C PHE E 57 -9.33 18.47 -7.85
N SER E 58 -10.22 17.94 -8.69
CA SER E 58 -10.47 16.54 -8.80
C SER E 58 -9.58 15.88 -9.85
N LYS E 59 -9.71 14.56 -10.02
CA LYS E 59 -8.90 13.78 -10.99
C LYS E 59 -9.00 14.31 -12.44
N ASP E 60 -10.18 14.82 -12.81
CA ASP E 60 -10.39 15.40 -14.16
C ASP E 60 -9.98 16.88 -14.30
N TRP E 61 -9.29 17.40 -13.27
CA TRP E 61 -8.73 18.76 -13.20
C TRP E 61 -9.75 19.85 -12.86
N SER E 62 -11.03 19.48 -12.72
CA SER E 62 -12.00 20.50 -12.42
C SER E 62 -11.93 20.92 -10.93
N PHE E 63 -12.22 22.19 -10.67
CA PHE E 63 -11.96 22.77 -9.33
C PHE E 63 -13.13 22.50 -8.41
N TYR E 64 -12.84 22.55 -7.10
CA TYR E 64 -13.93 22.61 -6.11
C TYR E 64 -13.58 23.54 -4.93
N LEU E 65 -14.62 24.12 -4.33
CA LEU E 65 -14.46 25.04 -3.17
C LEU E 65 -15.65 24.85 -2.26
N LEU E 66 -15.41 24.94 -0.97
CA LEU E 66 -16.54 24.95 -0.01
C LEU E 66 -16.56 26.35 0.61
N TYR E 67 -17.71 27.03 0.56
CA TYR E 67 -17.92 28.28 1.30
C TYR E 67 -18.85 27.97 2.44
N TYR E 68 -18.54 28.50 3.63
CA TYR E 68 -19.30 28.10 4.80
C TYR E 68 -19.37 29.20 5.85
N THR E 69 -20.49 29.20 6.59
CA THR E 69 -20.62 30.11 7.74
C THR E 69 -21.46 29.44 8.86
N GLU E 70 -21.21 29.82 10.10
CA GLU E 70 -22.09 29.42 11.21
C GLU E 70 -23.40 30.13 11.08
N PHE E 71 -24.49 29.41 11.35
CA PHE E 71 -25.81 30.00 11.34
C PHE E 71 -26.73 29.30 12.28
N THR E 72 -27.79 30.00 12.67
CA THR E 72 -28.86 29.40 13.44
C THR E 72 -30.17 29.57 12.65
N PRO E 73 -30.68 28.47 12.07
CA PRO E 73 -31.88 28.57 11.25
C PRO E 73 -33.12 28.88 12.06
N THR E 74 -34.04 29.58 11.42
CA THR E 74 -35.32 29.88 12.02
C THR E 74 -36.42 29.48 11.03
N GLU E 75 -37.66 29.68 11.43
CA GLU E 75 -38.78 29.42 10.55
C GLU E 75 -38.76 30.43 9.38
N LYS E 76 -38.50 31.70 9.67
CA LYS E 76 -38.70 32.78 8.69
C LYS E 76 -37.52 33.05 7.74
N ASP E 77 -36.29 32.77 8.18
CA ASP E 77 -35.12 33.25 7.44
C ASP E 77 -34.85 32.35 6.25
N GLU E 78 -34.63 33.00 5.11
CA GLU E 78 -34.35 32.33 3.84
C GLU E 78 -32.87 32.40 3.58
N TYR E 79 -32.26 31.27 3.25
CA TYR E 79 -30.83 31.27 2.91
C TYR E 79 -30.61 30.82 1.48
N ALA E 80 -29.50 31.26 0.89
CA ALA E 80 -29.24 30.96 -0.53
C ALA E 80 -27.77 31.09 -0.79
N CYS E 81 -27.33 30.58 -1.93
CA CYS E 81 -25.94 30.76 -2.37
C CYS E 81 -26.02 31.40 -3.76
N ARG E 82 -25.22 32.43 -4.02
CA ARG E 82 -25.24 33.15 -5.31
C ARG E 82 -23.89 32.90 -5.92
N VAL E 83 -23.89 32.40 -7.14
CA VAL E 83 -22.63 32.01 -7.79
C VAL E 83 -22.48 32.69 -9.13
N ASN E 84 -21.31 33.28 -9.42
CA ASN E 84 -21.03 33.75 -10.80
C ASN E 84 -19.75 33.11 -11.34
N HIS E 85 -19.74 32.84 -12.64
CA HIS E 85 -18.63 32.13 -13.26
C HIS E 85 -18.75 32.43 -14.74
N VAL E 86 -17.68 32.34 -15.51
CA VAL E 86 -17.78 32.69 -16.96
C VAL E 86 -18.81 31.84 -17.75
N THR E 87 -19.10 30.63 -17.27
CA THR E 87 -20.08 29.75 -17.92
C THR E 87 -21.55 30.11 -17.70
N LEU E 88 -21.80 31.00 -16.73
CA LEU E 88 -23.15 31.45 -16.36
C LEU E 88 -23.44 32.80 -16.97
N SER E 89 -24.58 32.90 -17.66
CA SER E 89 -24.96 34.14 -18.31
C SER E 89 -25.40 35.22 -17.32
N GLN E 90 -25.89 34.80 -16.16
CA GLN E 90 -26.10 35.69 -15.02
C GLN E 90 -25.81 34.92 -13.72
N PRO E 91 -25.65 35.65 -12.58
CA PRO E 91 -25.44 34.86 -11.36
C PRO E 91 -26.57 33.88 -11.07
N LYS E 92 -26.19 32.69 -10.62
CA LYS E 92 -27.16 31.65 -10.31
C LYS E 92 -27.40 31.67 -8.83
N ILE E 93 -28.67 31.72 -8.44
CA ILE E 93 -29.04 31.70 -7.02
C ILE E 93 -29.68 30.32 -6.73
N VAL E 94 -29.10 29.60 -5.77
CA VAL E 94 -29.65 28.31 -5.36
C VAL E 94 -30.15 28.49 -3.93
N LYS E 95 -31.43 28.21 -3.68
CA LYS E 95 -32.03 28.43 -2.36
C LYS E 95 -31.79 27.23 -1.50
N TRP E 96 -31.56 27.48 -0.22
CA TRP E 96 -31.38 26.36 0.72
C TRP E 96 -32.76 25.77 0.94
N ASP E 97 -32.86 24.45 0.76
CA ASP E 97 -34.11 23.73 0.93
C ASP E 97 -33.90 22.71 2.01
N ARG E 98 -34.46 22.93 3.19
CA ARG E 98 -34.14 22.05 4.32
C ARG E 98 -34.91 20.75 4.31
N ASP E 99 -35.89 20.62 3.42
CA ASP E 99 -36.81 19.47 3.44
C ASP E 99 -36.45 18.48 2.36
N MET E 100 -35.22 18.51 1.86
CA MET E 100 -34.79 17.53 0.83
C MET E 100 -34.52 16.13 1.41
N GLU F 1 5.69 15.43 2.98
CA GLU F 1 6.57 16.59 2.63
C GLU F 1 6.65 16.67 1.10
N LEU F 2 6.84 17.89 0.59
CA LEU F 2 7.05 18.17 -0.82
C LEU F 2 8.35 17.59 -1.36
N ALA F 3 8.35 17.30 -2.65
CA ALA F 3 9.57 16.92 -3.39
C ALA F 3 10.50 18.12 -3.46
N LEU F 6 12.08 21.28 -12.12
CA LEU F 6 11.39 20.86 -13.33
C LEU F 6 10.55 21.94 -14.02
N THR F 7 10.80 22.16 -15.30
CA THR F 7 10.02 23.09 -16.09
C THR F 7 9.60 22.45 -17.44
N VAL F 8 8.41 22.79 -17.94
CA VAL F 8 7.91 22.18 -19.18
C VAL F 8 8.64 22.70 -20.43
#